data_5NJ8
#
_entry.id   5NJ8
#
_cell.length_a   91.321
_cell.length_b   91.321
_cell.length_c   464.914
_cell.angle_alpha   90.00
_cell.angle_beta   90.00
_cell.angle_gamma   120.00
#
_symmetry.space_group_name_H-M   'P 65 2 2'
#
loop_
_entity.id
_entity.type
_entity.pdbx_description
1 polymer 'Aryl hydrocarbon receptor'
2 polymer 'Aryl hydrocarbon receptor nuclear translocator'
3 polymer "DNA (5'-D(*GP*GP*TP*CP*AP*CP*GP*CP*AP*AP*CP*C)-3')"
4 polymer "DNA (5'-D(*GP*GP*TP*TP*GP*CP*GP*TP*GP*AP*CP*C)-3')"
5 non-polymer 'ERBIUM (III) ION'
6 non-polymer 'ACETATE ION'
#
loop_
_entity_poly.entity_id
_entity_poly.type
_entity_poly.pdbx_seq_one_letter_code
_entity_poly.pdbx_strand_id
1 'polypeptide(L)'
;GPMVKPIPAEGIKSNPSKRHRDRLNTELDRLASLLPFPQDVINKLDKLSVLRLSVSYLRAKSFFDVALKSSPTERNGGQD
NCRAANFREGLNLQEGEFLLQALNGFVLVVTTDALVFYASSTIQDYLGFQQSDVIHQSVYELIHTEDRAEFQRQLHWALN
PSQCTESGQGIEEATGLPQTVVCYNPDQIPPENSPLMERCFICRLRCLLDNSSGFLAMNFQGKLKYLHGQKKKGKDGSIL
PPQLALFAIATPLQ
;
A,C
2 'polypeptide(L)'
;GPGSDADKERLARENHSEIERRRRNKMTAYITELSDMVPTCSALARKPDKLTILRMAVSHMKSLRGTGNTSTDGSYKPSF
LTDQELKHLILEAADGFLFIVSCETGRVVYVSDSVTPVLNQPQSEWFGSTLYDQVHPDDVDKLREQLSTSENALTGRVLD
LKTGTVKKEGQQSSMRMSMGSRRSFICRMRCGTSSHFVVVHCTGYIKAWPPAGVSLPDDDPEAGQGSKFCLVAIGRLQV
;
B,D
3 'polydeoxyribonucleotide' (DG)(DG)(DT)(DC)(DA)(DC)(DG)(DC)(DA)(DA)(DC)(DC) E,G
4 'polydeoxyribonucleotide' (DG)(DG)(DT)(DT)(DG)(DC)(DG)(DT)(DG)(DA)(DC)(DC) F,H
#
loop_
_chem_comp.id
_chem_comp.type
_chem_comp.name
_chem_comp.formula
ACT non-polymer 'ACETATE ION' 'C2 H3 O2 -1'
DA DNA linking 2'-DEOXYADENOSINE-5'-MONOPHOSPHATE 'C10 H14 N5 O6 P'
DC DNA linking 2'-DEOXYCYTIDINE-5'-MONOPHOSPHATE 'C9 H14 N3 O7 P'
DG DNA linking 2'-DEOXYGUANOSINE-5'-MONOPHOSPHATE 'C10 H14 N5 O7 P'
DT DNA linking THYMIDINE-5'-MONOPHOSPHATE 'C10 H15 N2 O8 P'
ER3 non-polymer 'ERBIUM (III) ION' 'Er 3'
#
# COMPACT_ATOMS: atom_id res chain seq x y z
N ASN A 15 -10.37 37.46 -5.56
CA ASN A 15 -10.29 37.75 -6.99
C ASN A 15 -11.00 36.69 -7.84
N PRO A 16 -11.22 37.00 -9.12
CA PRO A 16 -11.83 36.00 -10.01
C PRO A 16 -10.83 35.01 -10.59
N SER A 17 -9.54 35.34 -10.61
CA SER A 17 -8.56 34.36 -11.04
C SER A 17 -8.37 33.29 -9.97
N LYS A 18 -8.44 33.69 -8.69
CA LYS A 18 -8.31 32.72 -7.62
C LYS A 18 -9.45 31.70 -7.65
N ARG A 19 -10.70 32.16 -7.86
CA ARG A 19 -11.78 31.21 -8.06
C ARG A 19 -11.51 30.34 -9.27
N HIS A 20 -11.03 30.94 -10.37
CA HIS A 20 -10.68 30.14 -11.55
C HIS A 20 -9.84 28.93 -11.15
N ARG A 21 -8.64 29.18 -10.62
CA ARG A 21 -7.76 28.07 -10.28
C ARG A 21 -8.38 27.15 -9.24
N ASP A 22 -9.16 27.71 -8.30
CA ASP A 22 -9.72 26.89 -7.22
C ASP A 22 -10.69 25.85 -7.77
N ARG A 23 -11.77 26.31 -8.41
CA ARG A 23 -12.72 25.35 -8.94
C ARG A 23 -12.11 24.52 -10.06
N LEU A 24 -11.01 24.97 -10.66
CA LEU A 24 -10.28 24.08 -11.56
C LEU A 24 -9.57 22.97 -10.79
N ASN A 25 -9.16 23.24 -9.55
CA ASN A 25 -8.44 22.25 -8.75
C ASN A 25 -9.40 21.22 -8.16
N THR A 26 -10.52 21.67 -7.59
CA THR A 26 -11.42 20.73 -6.92
C THR A 26 -11.77 19.55 -7.82
N GLU A 27 -11.86 19.77 -9.13
CA GLU A 27 -12.16 18.68 -10.05
C GLU A 27 -10.98 17.72 -10.16
N LEU A 28 -9.75 18.24 -10.15
CA LEU A 28 -8.59 17.38 -10.13
C LEU A 28 -8.55 16.55 -8.84
N ASP A 29 -8.97 17.14 -7.73
CA ASP A 29 -8.99 16.39 -6.47
C ASP A 29 -10.04 15.28 -6.51
N ARG A 30 -11.26 15.60 -6.94
CA ARG A 30 -12.28 14.57 -7.08
C ARG A 30 -11.79 13.44 -8.00
N LEU A 31 -11.41 13.81 -9.22
CA LEU A 31 -10.89 12.84 -10.18
C LEU A 31 -9.83 11.96 -9.55
N ALA A 32 -8.85 12.58 -8.88
CA ALA A 32 -7.80 11.81 -8.23
C ALA A 32 -8.39 10.81 -7.23
N SER A 33 -9.29 11.29 -6.37
CA SER A 33 -9.92 10.41 -5.40
C SER A 33 -10.66 9.26 -6.06
N LEU A 34 -11.08 9.42 -7.33
CA LEU A 34 -11.74 8.34 -8.04
C LEU A 34 -10.78 7.32 -8.63
N LEU A 35 -9.47 7.57 -8.58
CA LEU A 35 -8.51 6.69 -9.20
C LEU A 35 -8.46 5.35 -8.48
N PRO A 36 -7.99 4.28 -9.16
CA PRO A 36 -8.06 2.92 -8.61
C PRO A 36 -6.79 2.50 -7.87
N PHE A 37 -6.31 3.38 -7.00
CA PHE A 37 -5.13 3.12 -6.20
C PHE A 37 -5.44 3.26 -4.72
N PRO A 38 -4.58 2.76 -3.84
CA PRO A 38 -4.79 2.96 -2.41
C PRO A 38 -4.71 4.44 -2.06
N GLN A 39 -5.45 4.82 -1.01
CA GLN A 39 -5.44 6.21 -0.58
C GLN A 39 -4.03 6.68 -0.25
N ASP A 40 -3.19 5.77 0.28
CA ASP A 40 -1.82 6.13 0.63
C ASP A 40 -1.13 6.88 -0.50
N VAL A 41 -1.37 6.45 -1.74
CA VAL A 41 -0.66 6.99 -2.89
C VAL A 41 -1.49 8.10 -3.54
N ILE A 42 -2.81 7.98 -3.46
CA ILE A 42 -3.68 8.99 -4.09
C ILE A 42 -3.34 10.37 -3.58
N ASN A 43 -3.19 10.51 -2.25
CA ASN A 43 -3.06 11.83 -1.66
C ASN A 43 -1.70 12.46 -1.98
N LYS A 44 -0.68 11.65 -2.23
CA LYS A 44 0.63 12.16 -2.59
C LYS A 44 0.80 12.31 -4.10
N LEU A 45 -0.29 12.38 -4.85
CA LEU A 45 -0.20 12.46 -6.30
C LEU A 45 0.01 13.90 -6.76
N ASP A 46 1.06 14.10 -7.56
CA ASP A 46 1.28 15.38 -8.22
C ASP A 46 0.13 15.66 -9.19
N LYS A 47 -0.29 16.94 -9.22
CA LYS A 47 -1.42 17.31 -10.06
C LYS A 47 -1.25 16.81 -11.49
N LEU A 48 -0.03 16.89 -12.03
CA LEU A 48 0.20 16.40 -13.40
C LEU A 48 0.01 14.89 -13.46
N SER A 49 0.55 14.18 -12.47
CA SER A 49 0.38 12.74 -12.42
C SER A 49 -1.10 12.36 -12.45
N VAL A 50 -1.92 13.11 -11.71
CA VAL A 50 -3.36 12.86 -11.69
C VAL A 50 -3.87 12.70 -13.11
N LEU A 51 -3.69 13.75 -13.93
CA LEU A 51 -4.11 13.70 -15.31
C LEU A 51 -3.43 12.54 -16.05
N ARG A 52 -2.10 12.57 -16.14
CA ARG A 52 -1.35 11.57 -16.89
C ARG A 52 -1.91 10.16 -16.69
N LEU A 53 -1.82 9.65 -15.48
CA LEU A 53 -2.29 8.30 -15.24
C LEU A 53 -3.80 8.21 -15.42
N SER A 54 -4.52 9.29 -15.13
CA SER A 54 -5.97 9.27 -15.29
C SER A 54 -6.36 9.01 -16.75
N VAL A 55 -5.54 9.44 -17.71
CA VAL A 55 -5.81 9.11 -19.09
C VAL A 55 -5.27 7.72 -19.42
N SER A 56 -4.18 7.32 -18.76
CA SER A 56 -3.73 5.93 -18.94
C SER A 56 -4.86 4.95 -18.65
N TYR A 57 -5.58 5.19 -17.55
CA TYR A 57 -6.74 4.40 -17.17
C TYR A 57 -7.73 4.30 -18.34
N LEU A 58 -8.23 5.45 -18.80
CA LEU A 58 -9.24 5.46 -19.84
C LEU A 58 -8.75 4.78 -21.12
N ARG A 59 -7.49 4.99 -21.47
CA ARG A 59 -6.92 4.31 -22.63
C ARG A 59 -7.03 2.80 -22.49
N ALA A 60 -6.59 2.27 -21.34
CA ALA A 60 -6.71 0.84 -21.10
C ALA A 60 -8.17 0.38 -21.22
N LYS A 61 -9.09 1.15 -20.64
CA LYS A 61 -10.50 0.74 -20.69
C LYS A 61 -11.00 0.67 -22.13
N SER A 62 -10.69 1.70 -22.92
CA SER A 62 -11.08 1.69 -24.33
C SER A 62 -10.53 0.44 -25.03
N PHE A 63 -9.22 0.27 -24.99
CA PHE A 63 -8.62 -0.88 -25.66
C PHE A 63 -9.28 -2.19 -25.23
N PHE A 64 -9.54 -2.36 -23.93
CA PHE A 64 -10.14 -3.60 -23.48
C PHE A 64 -11.58 -3.73 -23.95
N ASP A 65 -12.28 -2.61 -24.12
CA ASP A 65 -13.64 -2.67 -24.63
C ASP A 65 -13.65 -3.11 -26.10
N VAL A 66 -12.66 -2.69 -26.88
CA VAL A 66 -12.64 -3.09 -28.29
C VAL A 66 -12.18 -4.53 -28.43
N ALA A 67 -11.23 -4.98 -27.60
CA ALA A 67 -10.72 -6.35 -27.75
C ALA A 67 -11.67 -7.37 -27.14
N LEU A 68 -12.24 -7.08 -25.98
CA LEU A 68 -13.14 -8.00 -25.30
C LEU A 68 -14.58 -7.88 -25.78
N LYS A 69 -14.84 -7.14 -26.86
CA LYS A 69 -16.18 -7.00 -27.37
C LYS A 69 -16.67 -8.33 -27.94
N GLY A 90 -19.24 -16.65 -5.60
CA GLY A 90 -18.75 -16.14 -6.86
C GLY A 90 -17.27 -15.85 -6.83
N LEU A 91 -16.50 -16.60 -7.62
CA LEU A 91 -15.06 -16.42 -7.69
C LEU A 91 -14.60 -15.71 -8.95
N ASN A 92 -15.48 -15.55 -9.94
CA ASN A 92 -15.13 -14.75 -11.12
C ASN A 92 -14.52 -13.43 -10.72
N LEU A 93 -14.91 -12.89 -9.56
CA LEU A 93 -14.31 -11.65 -9.06
C LEU A 93 -12.94 -11.92 -8.46
N GLN A 94 -12.85 -12.85 -7.51
CA GLN A 94 -11.55 -13.20 -6.92
C GLN A 94 -10.50 -13.53 -7.98
N GLU A 95 -10.93 -13.80 -9.21
CA GLU A 95 -10.01 -14.26 -10.24
C GLU A 95 -8.85 -13.29 -10.46
N GLY A 96 -9.14 -12.00 -10.66
CA GLY A 96 -8.09 -11.05 -10.95
C GLY A 96 -7.02 -11.04 -9.87
N GLU A 97 -7.44 -10.82 -8.62
CA GLU A 97 -6.52 -10.86 -7.50
C GLU A 97 -5.66 -12.11 -7.59
N PHE A 98 -6.31 -13.27 -7.69
CA PHE A 98 -5.58 -14.53 -7.78
C PHE A 98 -4.58 -14.50 -8.92
N LEU A 99 -4.94 -13.87 -10.04
CA LEU A 99 -4.04 -13.84 -11.17
C LEU A 99 -2.79 -13.04 -10.86
N LEU A 100 -2.96 -11.88 -10.21
CA LEU A 100 -1.79 -11.08 -9.92
C LEU A 100 -0.85 -11.78 -8.94
N GLN A 101 -1.40 -12.42 -7.89
CA GLN A 101 -0.49 -13.03 -6.92
C GLN A 101 0.09 -14.36 -7.41
N ALA A 102 -0.75 -15.18 -8.02
CA ALA A 102 -0.34 -16.51 -8.47
C ALA A 102 0.82 -16.44 -9.47
N LEU A 103 0.90 -15.37 -10.26
CA LEU A 103 1.98 -15.24 -11.21
C LEU A 103 3.26 -14.85 -10.49
N ASN A 104 4.36 -15.54 -10.84
CA ASN A 104 5.67 -15.32 -10.21
C ASN A 104 6.29 -13.98 -10.57
N GLY A 105 5.56 -13.13 -11.29
CA GLY A 105 6.06 -11.84 -11.71
C GLY A 105 4.94 -10.85 -11.94
N PHE A 106 5.18 -9.85 -12.78
CA PHE A 106 4.19 -8.83 -13.06
C PHE A 106 3.95 -8.73 -14.56
N VAL A 107 2.90 -8.00 -14.92
CA VAL A 107 2.48 -7.85 -16.31
C VAL A 107 2.92 -6.49 -16.82
N LEU A 108 3.35 -6.43 -18.06
CA LEU A 108 3.80 -5.17 -18.64
C LEU A 108 3.21 -5.01 -20.03
N VAL A 109 2.76 -3.79 -20.30
CA VAL A 109 2.28 -3.39 -21.62
C VAL A 109 3.01 -2.11 -21.98
N VAL A 110 3.78 -2.16 -23.07
CA VAL A 110 4.55 -1.02 -23.56
C VAL A 110 4.08 -0.70 -24.98
N THR A 111 4.23 0.56 -25.36
CA THR A 111 3.92 1.02 -26.72
C THR A 111 5.20 1.27 -27.50
N THR A 112 5.08 1.37 -28.82
CA THR A 112 6.23 1.71 -29.64
C THR A 112 6.86 3.03 -29.21
N ASP A 113 6.04 3.95 -28.71
CA ASP A 113 6.58 5.13 -28.05
C ASP A 113 7.40 4.76 -26.83
N ALA A 114 7.44 3.49 -26.44
CA ALA A 114 8.26 3.01 -25.33
C ALA A 114 7.78 3.63 -24.01
N LEU A 115 6.48 3.55 -23.77
CA LEU A 115 5.85 4.09 -22.59
C LEU A 115 4.96 3.02 -21.98
N VAL A 116 5.14 2.77 -20.68
CA VAL A 116 4.40 1.68 -20.04
C VAL A 116 2.91 1.98 -20.14
N PHE A 117 2.24 1.36 -21.09
CA PHE A 117 0.78 1.40 -21.11
C PHE A 117 0.21 0.79 -19.83
N TYR A 118 0.87 -0.24 -19.28
CA TYR A 118 0.34 -0.87 -18.09
C TYR A 118 1.46 -1.58 -17.34
N ALA A 119 1.41 -1.46 -16.01
CA ALA A 119 2.28 -2.21 -15.11
C ALA A 119 1.43 -2.69 -13.94
N SER A 120 1.30 -4.00 -13.80
CA SER A 120 0.41 -4.55 -12.79
C SER A 120 0.89 -4.15 -11.38
N SER A 121 -0.05 -4.19 -10.44
CA SER A 121 0.26 -3.84 -9.06
C SER A 121 1.45 -4.61 -8.53
N THR A 122 1.62 -5.86 -8.97
CA THR A 122 2.68 -6.71 -8.44
C THR A 122 4.09 -6.24 -8.83
N ILE A 123 4.22 -5.21 -9.66
CA ILE A 123 5.55 -4.69 -9.96
C ILE A 123 6.23 -4.25 -8.68
N GLN A 124 5.47 -3.73 -7.72
CA GLN A 124 6.04 -3.36 -6.44
C GLN A 124 6.63 -4.57 -5.72
N ASP A 125 6.00 -5.73 -5.87
CA ASP A 125 6.39 -6.91 -5.11
C ASP A 125 7.74 -7.48 -5.54
N TYR A 126 8.17 -7.21 -6.77
CA TYR A 126 9.42 -7.75 -7.28
C TYR A 126 10.46 -6.69 -7.62
N LEU A 127 10.06 -5.45 -7.87
CA LEU A 127 11.01 -4.38 -8.18
C LEU A 127 10.94 -3.20 -7.23
N GLY A 128 10.02 -3.21 -6.27
CA GLY A 128 9.92 -2.09 -5.35
C GLY A 128 9.46 -0.80 -5.97
N PHE A 129 8.86 -0.84 -7.16
CA PHE A 129 8.25 0.34 -7.77
C PHE A 129 6.74 0.26 -7.60
N GLN A 130 6.13 1.39 -7.27
CA GLN A 130 4.69 1.49 -7.20
C GLN A 130 4.14 1.76 -8.60
N GLN A 131 3.20 0.91 -9.05
CA GLN A 131 2.62 1.10 -10.38
C GLN A 131 2.21 2.53 -10.63
N SER A 132 1.74 3.22 -9.58
CA SER A 132 1.32 4.61 -9.73
C SER A 132 2.37 5.44 -10.44
N ASP A 133 3.64 5.24 -10.11
CA ASP A 133 4.72 6.06 -10.64
C ASP A 133 5.48 5.40 -11.78
N VAL A 134 4.99 4.26 -12.29
CA VAL A 134 5.65 3.56 -13.39
C VAL A 134 4.88 3.83 -14.68
N ILE A 135 3.55 3.95 -14.58
CA ILE A 135 2.72 4.07 -15.76
C ILE A 135 2.97 5.39 -16.47
N HIS A 136 2.89 5.36 -17.79
CA HIS A 136 3.09 6.55 -18.62
C HIS A 136 4.41 7.22 -18.30
N GLN A 137 5.44 6.40 -18.07
CA GLN A 137 6.81 6.87 -17.89
C GLN A 137 7.74 6.01 -18.72
N SER A 138 8.72 6.65 -19.36
CA SER A 138 9.63 5.98 -20.27
C SER A 138 10.10 4.66 -19.69
N VAL A 139 9.77 3.57 -20.40
CA VAL A 139 10.20 2.25 -19.96
C VAL A 139 11.70 2.22 -19.74
N TYR A 140 12.44 3.03 -20.50
CA TYR A 140 13.89 3.03 -20.43
C TYR A 140 14.43 3.54 -19.10
N GLU A 141 13.60 4.17 -18.28
CA GLU A 141 14.01 4.53 -16.93
C GLU A 141 13.97 3.34 -15.97
N LEU A 142 13.68 2.15 -16.47
CA LEU A 142 13.71 0.93 -15.66
C LEU A 142 14.72 -0.09 -16.16
N ILE A 143 15.35 0.15 -17.30
CA ILE A 143 16.18 -0.85 -17.96
C ILE A 143 17.64 -0.45 -17.86
N HIS A 144 18.50 -1.45 -17.74
CA HIS A 144 19.93 -1.21 -17.72
C HIS A 144 20.40 -0.74 -19.09
N THR A 145 21.38 0.18 -19.08
CA THR A 145 21.88 0.74 -20.33
C THR A 145 22.27 -0.35 -21.32
N GLU A 146 22.94 -1.39 -20.84
CA GLU A 146 23.39 -2.46 -21.73
C GLU A 146 22.20 -3.14 -22.40
N ASP A 147 21.19 -3.51 -21.61
CA ASP A 147 20.01 -4.19 -22.14
C ASP A 147 19.03 -3.23 -22.79
N ARG A 148 19.14 -1.93 -22.49
CA ARG A 148 18.28 -0.93 -23.10
C ARG A 148 18.23 -1.09 -24.62
N ALA A 149 19.39 -1.32 -25.24
CA ALA A 149 19.44 -1.48 -26.69
C ALA A 149 18.62 -2.68 -27.14
N GLU A 150 18.94 -3.87 -26.61
CA GLU A 150 18.22 -5.07 -26.99
C GLU A 150 16.72 -4.87 -26.85
N PHE A 151 16.28 -4.26 -25.74
CA PHE A 151 14.86 -3.98 -25.56
C PHE A 151 14.33 -3.10 -26.69
N GLN A 152 15.03 -2.01 -26.98
CA GLN A 152 14.62 -1.14 -28.09
C GLN A 152 14.44 -1.95 -29.37
N ARG A 153 15.30 -2.94 -29.59
CA ARG A 153 15.14 -3.80 -30.76
C ARG A 153 13.93 -4.71 -30.63
N GLN A 154 13.58 -5.12 -29.40
CA GLN A 154 12.42 -5.99 -29.22
C GLN A 154 11.12 -5.24 -29.45
N LEU A 155 11.13 -3.91 -29.24
CA LEU A 155 9.92 -3.14 -29.52
C LEU A 155 9.56 -3.20 -31.01
N HIS A 156 10.52 -2.87 -31.87
CA HIS A 156 10.28 -2.83 -33.32
C HIS A 156 10.88 -4.06 -33.98
N TRP A 157 10.07 -4.77 -34.74
CA TRP A 157 10.52 -5.96 -35.46
C TRP A 157 11.57 -5.59 -36.50
N PRO A 190 3.04 -6.62 -40.92
CA PRO A 190 2.80 -7.51 -39.77
C PRO A 190 1.31 -7.69 -39.49
N PRO A 191 0.78 -8.91 -39.63
CA PRO A 191 -0.64 -9.13 -39.35
C PRO A 191 -0.94 -9.22 -37.87
N GLU A 192 -2.19 -9.56 -37.53
CA GLU A 192 -2.63 -9.51 -36.14
C GLU A 192 -1.89 -10.54 -35.29
N ASN A 193 -2.09 -11.82 -35.59
CA ASN A 193 -1.49 -12.89 -34.80
C ASN A 193 -0.47 -13.65 -35.64
N SER A 194 0.52 -12.93 -36.16
CA SER A 194 1.56 -13.56 -36.95
C SER A 194 2.32 -14.60 -36.13
N PRO A 195 3.05 -15.49 -36.79
CA PRO A 195 4.08 -16.24 -36.06
C PRO A 195 5.21 -15.35 -35.60
N LEU A 196 5.61 -14.39 -36.43
CA LEU A 196 6.64 -13.42 -36.07
C LEU A 196 6.27 -12.66 -34.81
N MET A 197 7.16 -11.77 -34.37
CA MET A 197 6.91 -10.89 -33.22
C MET A 197 6.19 -11.63 -32.10
N GLU A 198 6.68 -12.83 -31.81
CA GLU A 198 6.53 -13.46 -30.51
C GLU A 198 7.85 -13.22 -29.79
N ARG A 199 7.83 -12.44 -28.71
CA ARG A 199 9.06 -12.03 -28.04
C ARG A 199 9.26 -12.84 -26.79
N CYS A 200 10.49 -13.34 -26.59
CA CYS A 200 10.87 -14.06 -25.37
C CYS A 200 12.35 -13.78 -25.16
N PHE A 201 12.65 -12.64 -24.53
CA PHE A 201 14.02 -12.15 -24.39
C PHE A 201 14.31 -11.90 -22.92
N ILE A 202 15.59 -11.86 -22.59
CA ILE A 202 16.04 -11.62 -21.22
C ILE A 202 16.51 -10.18 -21.09
N CYS A 203 16.24 -9.58 -19.95
CA CYS A 203 16.60 -8.19 -19.72
C CYS A 203 16.71 -7.95 -18.21
N ARG A 204 17.56 -6.99 -17.85
CA ARG A 204 17.76 -6.60 -16.46
C ARG A 204 17.05 -5.28 -16.21
N LEU A 205 16.22 -5.24 -15.18
CA LEU A 205 15.44 -4.06 -14.84
C LEU A 205 15.83 -3.57 -13.45
N ARG A 206 15.96 -2.26 -13.32
CA ARG A 206 16.25 -1.64 -12.03
C ARG A 206 15.40 -2.28 -10.92
N CYS A 207 16.01 -2.44 -9.75
CA CYS A 207 15.31 -2.95 -8.58
C CYS A 207 15.70 -2.14 -7.36
N LEU A 208 14.73 -1.98 -6.45
CA LEU A 208 14.89 -1.13 -5.27
C LEU A 208 14.87 -1.93 -3.97
N LEU A 209 14.98 -3.25 -4.04
CA LEU A 209 14.90 -4.09 -2.86
C LEU A 209 16.30 -4.42 -2.33
N ASP A 210 16.34 -4.83 -1.07
CA ASP A 210 17.60 -5.24 -0.44
C ASP A 210 18.05 -6.59 -0.97
N SER A 212 19.40 -7.43 -4.33
CA SER A 212 19.16 -6.74 -5.60
C SER A 212 20.46 -6.23 -6.20
N SER A 213 21.19 -5.42 -5.42
CA SER A 213 22.33 -4.67 -5.94
C SER A 213 21.93 -3.88 -7.18
N GLY A 214 20.68 -3.41 -7.19
CA GLY A 214 20.08 -2.81 -8.36
C GLY A 214 20.04 -3.80 -9.51
N PHE A 215 19.44 -3.40 -10.62
CA PHE A 215 19.45 -4.21 -11.85
C PHE A 215 19.18 -5.69 -11.53
N LEU A 216 17.94 -5.95 -11.14
CA LEU A 216 17.48 -7.33 -11.02
C LEU A 216 17.24 -7.93 -12.40
N ALA A 217 17.88 -9.07 -12.65
CA ALA A 217 17.78 -9.72 -13.95
C ALA A 217 16.52 -10.57 -14.02
N MET A 218 15.74 -10.41 -15.09
CA MET A 218 14.59 -11.27 -15.31
C MET A 218 14.30 -11.34 -16.81
N ASN A 219 13.23 -12.04 -17.16
CA ASN A 219 13.03 -12.54 -18.52
C ASN A 219 11.61 -12.24 -19.00
N PHE A 220 11.51 -11.37 -20.00
CA PHE A 220 10.22 -11.02 -20.60
C PHE A 220 9.79 -12.09 -21.58
N GLN A 221 8.68 -12.77 -21.27
CA GLN A 221 8.02 -13.67 -22.20
C GLN A 221 6.67 -13.06 -22.55
N GLY A 222 6.49 -12.69 -23.81
CA GLY A 222 5.29 -11.99 -24.22
C GLY A 222 5.07 -12.07 -25.71
N LYS A 223 3.91 -11.56 -26.11
CA LYS A 223 3.45 -11.60 -27.49
C LYS A 223 3.10 -10.18 -27.92
N LEU A 224 3.91 -9.61 -28.81
CA LEU A 224 3.63 -8.29 -29.34
C LEU A 224 2.39 -8.35 -30.23
N LYS A 225 1.45 -7.44 -30.01
CA LYS A 225 0.22 -7.39 -30.79
C LYS A 225 -0.20 -5.93 -31.02
N TYR A 226 -1.18 -5.74 -31.90
CA TYR A 226 -1.58 -4.41 -32.31
C TYR A 226 -2.41 -3.73 -31.23
N LEU A 227 -2.11 -2.47 -30.97
CA LEU A 227 -2.75 -1.68 -29.92
C LEU A 227 -3.75 -0.73 -30.56
N HIS A 228 -5.00 -0.82 -30.14
CA HIS A 228 -6.08 0.02 -30.64
C HIS A 228 -6.65 0.87 -29.51
N GLY A 229 -7.68 1.65 -29.84
CA GLY A 229 -8.34 2.50 -28.87
C GLY A 229 -7.68 3.84 -28.65
N GLN A 230 -6.50 4.05 -29.22
CA GLN A 230 -5.74 5.28 -29.04
C GLN A 230 -5.79 6.10 -30.32
N LYS A 231 -5.86 7.42 -30.17
CA LYS A 231 -5.87 8.33 -31.31
C LYS A 231 -5.77 9.78 -30.85
N PRO A 242 -3.47 3.79 -34.63
CA PRO A 242 -3.16 2.39 -34.91
C PRO A 242 -1.68 2.04 -34.70
N GLN A 243 -1.26 1.97 -33.45
CA GLN A 243 0.11 1.65 -33.09
C GLN A 243 0.20 0.23 -32.55
N LEU A 244 1.41 -0.32 -32.58
CA LEU A 244 1.69 -1.64 -32.03
C LEU A 244 2.01 -1.52 -30.54
N ALA A 245 2.32 -2.64 -29.90
CA ALA A 245 2.61 -2.66 -28.48
C ALA A 245 3.07 -4.05 -28.07
N LEU A 246 3.94 -4.08 -27.06
CA LEU A 246 4.39 -5.34 -26.47
C LEU A 246 3.58 -5.62 -25.21
N PHE A 247 2.85 -6.73 -25.22
CA PHE A 247 2.16 -7.25 -24.05
C PHE A 247 2.93 -8.46 -23.57
N ALA A 248 3.44 -8.40 -22.34
CA ALA A 248 4.37 -9.43 -21.90
C ALA A 248 4.23 -9.67 -20.41
N ILE A 249 4.84 -10.77 -19.98
CA ILE A 249 4.94 -11.15 -18.58
C ILE A 249 6.41 -11.15 -18.20
N ALA A 250 6.70 -10.69 -16.98
CA ALA A 250 8.05 -10.66 -16.44
C ALA A 250 8.29 -11.89 -15.57
N THR A 251 9.26 -12.72 -15.96
CA THR A 251 9.57 -13.95 -15.22
C THR A 251 10.90 -13.76 -14.51
N PRO A 252 10.93 -13.66 -13.18
CA PRO A 252 12.21 -13.45 -12.49
C PRO A 252 12.97 -14.73 -12.25
N LEU A 253 13.98 -14.99 -13.07
CA LEU A 253 14.90 -16.11 -12.85
C LEU A 253 15.98 -16.13 -13.93
N ASP B 7 25.90 38.62 -13.21
CA ASP B 7 24.64 39.31 -12.94
C ASP B 7 23.64 39.08 -14.07
N LYS B 8 23.80 37.95 -14.77
CA LYS B 8 22.84 37.52 -15.78
C LYS B 8 21.87 36.48 -15.23
N GLU B 9 21.70 36.43 -13.91
CA GLU B 9 20.83 35.43 -13.30
C GLU B 9 19.47 35.39 -13.97
N ARG B 10 19.01 36.53 -14.50
CA ARG B 10 17.75 36.53 -15.24
C ARG B 10 17.72 35.43 -16.29
N LEU B 11 18.87 35.13 -16.89
CA LEU B 11 18.91 34.06 -17.89
C LEU B 11 18.54 32.72 -17.26
N ALA B 12 19.17 32.38 -16.13
CA ALA B 12 18.87 31.12 -15.47
C ALA B 12 17.46 31.12 -14.90
N ARG B 13 16.98 32.29 -14.49
CA ARG B 13 15.56 32.44 -14.16
C ARG B 13 14.70 32.53 -15.41
N GLU B 14 15.31 32.82 -16.56
CA GLU B 14 14.61 32.67 -17.84
C GLU B 14 14.55 31.20 -18.26
N ASN B 15 15.54 30.40 -17.85
CA ASN B 15 15.42 28.96 -18.01
C ASN B 15 14.39 28.39 -17.06
N HIS B 16 14.19 29.04 -15.91
CA HIS B 16 13.11 28.66 -15.00
C HIS B 16 11.76 28.83 -15.69
N SER B 17 11.58 29.91 -16.45
CA SER B 17 10.36 30.09 -17.22
C SER B 17 10.12 28.92 -18.16
N GLU B 18 11.14 28.56 -18.94
CA GLU B 18 11.01 27.44 -19.87
C GLU B 18 10.51 26.19 -19.17
N ILE B 19 11.00 25.94 -17.94
CA ILE B 19 10.58 24.76 -17.20
C ILE B 19 9.11 24.87 -16.84
N GLU B 20 8.72 25.96 -16.17
CA GLU B 20 7.33 26.16 -15.81
C GLU B 20 6.43 26.13 -17.03
N ARG B 21 6.96 26.49 -18.20
CA ARG B 21 6.16 26.45 -19.41
C ARG B 21 5.79 25.01 -19.78
N ARG B 22 6.77 24.12 -19.80
CA ARG B 22 6.48 22.72 -20.12
C ARG B 22 5.42 22.15 -19.19
N ARG B 23 5.43 22.57 -17.93
CA ARG B 23 4.36 22.18 -17.02
C ARG B 23 2.99 22.52 -17.61
N ARG B 24 2.89 23.66 -18.28
CA ARG B 24 1.64 24.01 -18.95
C ARG B 24 1.39 23.07 -20.12
N ASN B 25 2.32 23.02 -21.08
CA ASN B 25 2.17 22.13 -22.23
C ASN B 25 1.84 20.72 -21.77
N LYS B 26 2.61 20.18 -20.83
CA LYS B 26 2.26 18.87 -20.27
C LYS B 26 0.88 18.89 -19.63
N MET B 27 0.55 19.97 -18.91
CA MET B 27 -0.79 20.12 -18.39
C MET B 27 -1.82 20.13 -19.51
N THR B 28 -1.68 21.08 -20.44
CA THR B 28 -2.66 21.21 -21.51
C THR B 28 -2.68 19.96 -22.38
N ALA B 29 -1.50 19.44 -22.74
CA ALA B 29 -1.43 18.26 -23.60
C ALA B 29 -2.24 17.11 -23.02
N TYR B 30 -2.23 16.95 -21.69
CA TYR B 30 -3.02 15.91 -21.07
C TYR B 30 -4.52 16.19 -21.22
N ILE B 31 -4.92 17.46 -21.06
CA ILE B 31 -6.32 17.81 -21.23
C ILE B 31 -6.79 17.36 -22.61
N THR B 32 -6.01 17.67 -23.65
CA THR B 32 -6.35 17.20 -24.98
C THR B 32 -6.42 15.68 -25.02
N GLU B 33 -5.39 15.00 -24.51
CA GLU B 33 -5.45 13.55 -24.40
C GLU B 33 -6.69 13.14 -23.62
N LEU B 34 -6.94 13.78 -22.49
CA LEU B 34 -8.10 13.46 -21.67
C LEU B 34 -9.41 13.88 -22.32
N SER B 35 -9.35 14.58 -23.45
CA SER B 35 -10.53 14.93 -24.23
C SER B 35 -10.76 14.00 -25.41
N ASP B 36 -9.85 13.05 -25.64
CA ASP B 36 -10.01 12.07 -26.71
C ASP B 36 -10.54 10.74 -26.21
N MET B 37 -10.62 10.54 -24.89
CA MET B 37 -11.17 9.33 -24.29
C MET B 37 -12.51 9.63 -23.62
N VAL B 38 -13.30 10.50 -24.23
CA VAL B 38 -14.52 11.02 -23.63
C VAL B 38 -15.57 11.15 -24.73
N PRO B 39 -16.86 11.39 -24.39
CA PRO B 39 -17.89 11.53 -25.45
C PRO B 39 -17.81 12.87 -26.18
N THR B 40 -16.66 13.15 -26.78
CA THR B 40 -16.46 14.35 -27.60
C THR B 40 -15.41 14.04 -28.66
N CYS B 41 -15.04 15.06 -29.42
CA CYS B 41 -14.06 14.90 -30.50
C CYS B 41 -12.77 14.28 -29.97
N PRO B 48 -12.79 23.45 -27.01
CA PRO B 48 -13.61 23.26 -25.80
C PRO B 48 -12.90 23.70 -24.53
N ASP B 49 -13.65 24.30 -23.61
CA ASP B 49 -13.06 24.74 -22.34
C ASP B 49 -12.47 23.55 -21.60
N LYS B 50 -11.27 23.76 -21.04
CA LYS B 50 -10.62 22.69 -20.30
C LYS B 50 -11.44 22.27 -19.10
N LEU B 51 -11.81 23.23 -18.25
CA LEU B 51 -12.61 22.93 -17.07
C LEU B 51 -13.76 21.99 -17.41
N THR B 52 -14.51 22.32 -18.46
CA THR B 52 -15.59 21.43 -18.89
C THR B 52 -15.06 20.03 -19.18
N ILE B 53 -13.90 19.93 -19.83
CA ILE B 53 -13.32 18.61 -20.11
C ILE B 53 -13.03 17.87 -18.81
N LEU B 54 -12.64 18.59 -17.76
CA LEU B 54 -12.33 17.93 -16.50
C LEU B 54 -13.59 17.46 -15.80
N ARG B 55 -14.65 18.28 -15.81
CA ARG B 55 -15.91 17.84 -15.23
C ARG B 55 -16.48 16.64 -15.98
N MET B 56 -16.39 16.65 -17.31
CA MET B 56 -16.83 15.52 -18.10
C MET B 56 -15.97 14.29 -17.80
N ALA B 57 -14.68 14.49 -17.57
CA ALA B 57 -13.80 13.38 -17.23
C ALA B 57 -14.20 12.77 -15.90
N VAL B 58 -14.47 13.62 -14.89
CA VAL B 58 -14.98 13.12 -13.61
C VAL B 58 -16.25 12.31 -13.84
N SER B 59 -17.16 12.84 -14.66
CA SER B 59 -18.40 12.12 -14.98
C SER B 59 -18.08 10.73 -15.52
N HIS B 60 -17.23 10.67 -16.55
CA HIS B 60 -16.82 9.39 -17.10
C HIS B 60 -16.32 8.45 -16.01
N MET B 61 -15.37 8.93 -15.20
CA MET B 61 -14.80 8.11 -14.14
C MET B 61 -15.88 7.54 -13.24
N LYS B 62 -16.77 8.39 -12.74
CA LYS B 62 -17.82 7.91 -11.84
C LYS B 62 -18.73 6.92 -12.56
N SER B 63 -18.87 7.05 -13.88
CA SER B 63 -19.64 6.06 -14.63
C SER B 63 -18.94 4.71 -14.62
N LEU B 64 -17.62 4.69 -14.85
CA LEU B 64 -16.88 3.44 -14.78
C LEU B 64 -16.98 2.78 -13.40
N ARG B 65 -17.25 3.55 -12.35
CA ARG B 65 -17.35 3.01 -11.00
C ARG B 65 -17.55 4.13 -9.99
N GLY B 74 -15.27 -0.79 5.36
CA GLY B 74 -14.68 -2.11 5.24
C GLY B 74 -13.78 -2.23 4.01
N SER B 75 -13.09 -3.36 3.89
CA SER B 75 -12.10 -3.55 2.83
C SER B 75 -12.78 -3.72 1.47
N TYR B 76 -12.18 -3.13 0.45
CA TYR B 76 -12.58 -3.33 -0.93
C TYR B 76 -11.37 -3.06 -1.82
N LYS B 77 -11.22 -3.87 -2.87
CA LYS B 77 -10.00 -3.83 -3.67
C LYS B 77 -10.26 -3.05 -4.96
N PRO B 78 -9.67 -1.87 -5.14
CA PRO B 78 -9.71 -1.22 -6.45
C PRO B 78 -8.78 -1.93 -7.42
N SER B 79 -8.97 -1.64 -8.70
CA SER B 79 -8.20 -2.31 -9.73
C SER B 79 -8.12 -1.43 -10.97
N PHE B 80 -6.89 -1.24 -11.46
CA PHE B 80 -6.72 -0.65 -12.79
C PHE B 80 -7.50 -1.44 -13.82
N LEU B 81 -7.49 -2.77 -13.71
CA LEU B 81 -8.08 -3.68 -14.69
C LEU B 81 -8.95 -4.71 -13.98
N THR B 82 -10.10 -5.03 -14.57
CA THR B 82 -11.01 -5.98 -13.95
C THR B 82 -10.53 -7.42 -14.21
N ASP B 83 -11.25 -8.38 -13.62
CA ASP B 83 -10.90 -9.78 -13.79
C ASP B 83 -10.94 -10.18 -15.26
N GLN B 84 -11.88 -9.64 -16.01
CA GLN B 84 -11.96 -9.95 -17.44
C GLN B 84 -10.75 -9.43 -18.17
N GLU B 85 -10.29 -8.24 -17.78
CA GLU B 85 -9.17 -7.60 -18.48
C GLU B 85 -7.85 -8.26 -18.14
N LEU B 86 -7.66 -8.65 -16.87
CA LEU B 86 -6.47 -9.42 -16.50
C LEU B 86 -6.51 -10.79 -17.13
N LYS B 87 -7.54 -11.58 -16.81
CA LYS B 87 -7.75 -12.88 -17.45
C LYS B 87 -7.36 -12.84 -18.92
N HIS B 88 -7.98 -11.92 -19.66
CA HIS B 88 -7.67 -11.78 -21.07
C HIS B 88 -6.17 -11.53 -21.26
N LEU B 89 -5.66 -10.49 -20.61
CA LEU B 89 -4.28 -10.06 -20.86
C LEU B 89 -3.29 -11.21 -20.65
N ILE B 90 -3.31 -11.82 -19.47
CA ILE B 90 -2.46 -12.98 -19.21
C ILE B 90 -2.66 -14.02 -20.30
N LEU B 91 -3.91 -14.28 -20.65
CA LEU B 91 -4.19 -15.26 -21.69
C LEU B 91 -3.57 -14.88 -23.02
N GLU B 92 -3.29 -13.60 -23.25
CA GLU B 92 -2.69 -13.16 -24.51
C GLU B 92 -1.18 -13.22 -24.47
N ALA B 93 -0.57 -12.68 -23.41
CA ALA B 93 0.88 -12.56 -23.39
C ALA B 93 1.56 -13.90 -23.14
N ALA B 94 0.91 -14.82 -22.43
CA ALA B 94 1.56 -16.02 -21.94
C ALA B 94 0.78 -17.30 -22.14
N ASP B 95 -0.48 -17.25 -22.54
CA ASP B 95 -1.30 -18.45 -22.66
C ASP B 95 -1.44 -19.13 -21.30
N GLY B 96 -1.78 -18.34 -20.29
CA GLY B 96 -1.95 -18.81 -18.93
C GLY B 96 -3.41 -18.85 -18.55
N PHE B 97 -3.80 -19.88 -17.80
CA PHE B 97 -5.14 -19.98 -17.25
C PHE B 97 -5.04 -20.20 -15.75
N LEU B 98 -6.04 -19.69 -15.03
CA LEU B 98 -6.08 -19.83 -13.58
C LEU B 98 -6.76 -21.14 -13.19
N PHE B 99 -6.33 -21.69 -12.07
CA PHE B 99 -7.03 -22.81 -11.45
C PHE B 99 -6.71 -22.84 -9.96
N ILE B 100 -7.74 -23.15 -9.18
CA ILE B 100 -7.62 -23.37 -7.73
C ILE B 100 -8.00 -24.82 -7.48
N VAL B 101 -7.11 -25.57 -6.83
CA VAL B 101 -7.37 -26.97 -6.50
C VAL B 101 -7.18 -27.16 -5.01
N SER B 102 -7.78 -28.22 -4.47
CA SER B 102 -7.75 -28.45 -3.03
C SER B 102 -6.41 -29.05 -2.63
N CYS B 103 -5.82 -28.51 -1.56
CA CYS B 103 -4.40 -28.70 -1.29
C CYS B 103 -4.00 -30.14 -1.03
N GLU B 104 -4.95 -31.04 -0.76
CA GLU B 104 -4.60 -32.44 -0.57
C GLU B 104 -5.45 -33.32 -1.49
N THR B 105 -6.70 -33.56 -1.13
CA THR B 105 -7.58 -34.28 -2.04
C THR B 105 -7.51 -33.67 -3.42
N GLY B 106 -7.16 -34.49 -4.41
CA GLY B 106 -7.11 -33.96 -5.73
C GLY B 106 -8.50 -33.47 -6.10
N ARG B 107 -8.91 -32.29 -5.66
CA ARG B 107 -10.20 -31.77 -6.02
C ARG B 107 -10.03 -30.39 -6.63
N VAL B 108 -10.45 -30.24 -7.88
CA VAL B 108 -10.46 -28.93 -8.49
C VAL B 108 -11.50 -28.06 -7.81
N VAL B 109 -11.18 -26.78 -7.63
CA VAL B 109 -12.09 -25.81 -7.04
C VAL B 109 -12.57 -24.79 -8.07
N TYR B 110 -11.68 -24.35 -8.96
CA TYR B 110 -12.07 -23.37 -9.97
C TYR B 110 -11.10 -23.44 -11.15
N VAL B 111 -11.64 -23.14 -12.33
CA VAL B 111 -10.85 -23.02 -13.55
C VAL B 111 -11.46 -21.93 -14.43
N SER B 112 -10.67 -20.92 -14.76
CA SER B 112 -11.16 -19.84 -15.60
C SER B 112 -11.55 -20.38 -16.97
N ASP B 113 -12.26 -19.56 -17.74
CA ASP B 113 -12.58 -19.92 -19.11
C ASP B 113 -11.37 -19.87 -20.04
N SER B 114 -10.20 -19.45 -19.54
CA SER B 114 -9.01 -19.37 -20.36
C SER B 114 -8.40 -20.75 -20.65
N VAL B 115 -9.07 -21.84 -20.28
CA VAL B 115 -8.58 -23.20 -20.48
C VAL B 115 -8.98 -23.64 -21.88
N THR B 116 -9.59 -22.74 -22.65
CA THR B 116 -10.06 -23.11 -24.00
C THR B 116 -9.01 -22.81 -25.07
N PRO B 117 -8.32 -21.66 -25.01
CA PRO B 117 -7.29 -21.39 -26.02
C PRO B 117 -5.95 -22.05 -25.71
N VAL B 118 -5.65 -22.19 -24.42
CA VAL B 118 -4.42 -22.88 -24.01
C VAL B 118 -4.58 -24.34 -24.35
N LEU B 119 -5.50 -25.00 -23.66
CA LEU B 119 -5.85 -26.39 -23.89
C LEU B 119 -7.29 -26.45 -24.37
N ASN B 120 -7.81 -27.66 -24.58
CA ASN B 120 -9.19 -27.84 -24.97
C ASN B 120 -9.97 -28.48 -23.82
N GLN B 121 -11.19 -28.95 -24.12
CA GLN B 121 -12.13 -29.54 -23.17
C GLN B 121 -12.45 -28.63 -21.99
N PRO B 122 -12.74 -27.35 -22.20
CA PRO B 122 -13.01 -26.47 -21.06
C PRO B 122 -14.18 -26.94 -20.20
N GLN B 123 -14.05 -26.72 -18.89
CA GLN B 123 -15.19 -26.65 -17.97
C GLN B 123 -16.15 -27.83 -18.12
N SER B 124 -15.61 -29.00 -18.42
CA SER B 124 -16.39 -30.23 -18.35
C SER B 124 -15.61 -31.28 -17.58
N GLU B 125 -14.58 -31.84 -18.21
CA GLU B 125 -13.70 -32.79 -17.53
C GLU B 125 -12.66 -32.10 -16.67
N TRP B 126 -12.75 -30.78 -16.53
CA TRP B 126 -11.99 -30.04 -15.53
C TRP B 126 -12.87 -29.50 -14.41
N PHE B 127 -14.19 -29.53 -14.59
CA PHE B 127 -15.10 -28.86 -13.65
C PHE B 127 -15.08 -29.52 -12.29
N GLY B 128 -15.35 -30.82 -12.24
CA GLY B 128 -15.41 -31.53 -10.97
C GLY B 128 -14.35 -32.61 -10.85
N SER B 129 -13.52 -32.74 -11.88
CA SER B 129 -12.52 -33.79 -11.89
C SER B 129 -11.34 -33.41 -11.01
N THR B 130 -10.62 -34.44 -10.55
CA THR B 130 -9.43 -34.23 -9.75
C THR B 130 -8.27 -33.77 -10.62
N LEU B 131 -7.43 -32.87 -10.07
CA LEU B 131 -6.28 -32.40 -10.82
C LEU B 131 -5.35 -33.54 -11.19
N TYR B 132 -5.33 -34.61 -10.38
CA TYR B 132 -4.51 -35.77 -10.71
C TYR B 132 -5.00 -36.48 -11.96
N ASP B 133 -6.29 -36.33 -12.31
CA ASP B 133 -6.83 -36.92 -13.53
C ASP B 133 -6.41 -36.15 -14.77
N GLN B 134 -6.05 -34.88 -14.64
CA GLN B 134 -5.69 -34.05 -15.77
C GLN B 134 -4.21 -34.08 -16.09
N VAL B 135 -3.40 -34.80 -15.31
CA VAL B 135 -1.96 -34.84 -15.51
C VAL B 135 -1.55 -36.22 -16.02
N HIS B 136 -0.25 -36.41 -16.20
CA HIS B 136 0.28 -37.69 -16.59
C HIS B 136 0.22 -38.66 -15.41
N PRO B 137 0.10 -39.97 -15.66
CA PRO B 137 0.26 -40.92 -14.55
C PRO B 137 1.59 -40.79 -13.83
N ASP B 138 2.69 -40.70 -14.59
CA ASP B 138 4.02 -40.62 -13.98
C ASP B 138 4.30 -39.26 -13.32
N ASP B 139 3.31 -38.37 -13.19
CA ASP B 139 3.49 -37.11 -12.49
C ASP B 139 2.75 -37.03 -11.18
N VAL B 140 1.91 -38.02 -10.87
CA VAL B 140 1.13 -37.98 -9.62
C VAL B 140 2.06 -37.93 -8.42
N ASP B 141 2.99 -38.89 -8.35
CA ASP B 141 3.90 -38.94 -7.21
C ASP B 141 4.71 -37.66 -7.07
N LYS B 142 5.16 -37.10 -8.21
CA LYS B 142 5.91 -35.86 -8.18
C LYS B 142 5.06 -34.66 -7.82
N LEU B 143 3.73 -34.80 -7.90
CA LEU B 143 2.82 -33.71 -7.60
C LEU B 143 2.40 -33.70 -6.13
N ARG B 144 2.05 -34.87 -5.59
CA ARG B 144 1.67 -34.96 -4.18
C ARG B 144 2.78 -34.41 -3.28
N GLU B 145 4.03 -34.45 -3.73
CA GLU B 145 5.11 -33.86 -2.94
C GLU B 145 4.89 -32.37 -2.78
N GLN B 146 4.41 -31.70 -3.83
CA GLN B 146 4.13 -30.28 -3.74
C GLN B 146 3.03 -29.99 -2.72
N LEU B 147 2.14 -30.95 -2.48
CA LEU B 147 0.96 -30.74 -1.65
C LEU B 147 1.13 -31.33 -0.25
N SER B 148 2.32 -31.22 0.33
CA SER B 148 2.58 -31.81 1.64
C SER B 148 1.94 -30.99 2.75
N THR B 149 2.08 -29.66 2.69
CA THR B 149 1.51 -28.77 3.69
C THR B 149 2.09 -29.04 5.08
N SER B 150 3.33 -29.51 5.14
CA SER B 150 3.97 -29.84 6.40
C SER B 150 4.38 -28.57 7.15
N SER B 181 5.47 -21.79 1.34
CA SER B 181 4.31 -20.90 1.26
C SER B 181 3.94 -20.63 -0.20
N ARG B 182 4.93 -20.74 -1.08
CA ARG B 182 4.73 -20.54 -2.52
C ARG B 182 5.40 -21.69 -3.25
N ARG B 183 4.69 -22.28 -4.21
CA ARG B 183 5.17 -23.45 -4.93
C ARG B 183 5.06 -23.24 -6.43
N SER B 184 6.04 -23.77 -7.16
CA SER B 184 6.09 -23.69 -8.61
C SER B 184 6.66 -24.99 -9.14
N PHE B 185 6.13 -25.47 -10.26
CA PHE B 185 6.60 -26.72 -10.82
C PHE B 185 6.18 -26.78 -12.29
N ILE B 186 6.49 -27.90 -12.93
CA ILE B 186 6.14 -28.15 -14.32
C ILE B 186 5.59 -29.56 -14.41
N CYS B 187 4.58 -29.76 -15.24
CA CYS B 187 3.96 -31.07 -15.40
C CYS B 187 3.44 -31.19 -16.82
N ARG B 188 2.89 -32.37 -17.13
CA ARG B 188 2.36 -32.69 -18.44
C ARG B 188 0.84 -32.79 -18.34
N MET B 189 0.13 -31.98 -19.12
CA MET B 189 -1.32 -31.90 -19.03
C MET B 189 -1.98 -32.47 -20.28
N ARG B 190 -3.28 -32.76 -20.12
CA ARG B 190 -4.04 -33.54 -21.09
C ARG B 190 -4.61 -32.62 -22.16
N CYS B 191 -4.15 -32.81 -23.40
CA CYS B 191 -4.67 -32.08 -24.57
C CYS B 191 -4.61 -30.58 -24.34
N HIS B 196 -2.20 -34.81 -27.56
CA HIS B 196 -2.57 -35.63 -26.42
C HIS B 196 -2.12 -34.97 -25.12
N PHE B 197 -0.86 -34.53 -25.08
CA PHE B 197 -0.25 -33.99 -23.88
C PHE B 197 0.60 -32.77 -24.23
N VAL B 198 0.68 -31.82 -23.29
CA VAL B 198 1.50 -30.62 -23.48
C VAL B 198 2.24 -30.30 -22.19
N VAL B 199 3.35 -29.58 -22.34
CA VAL B 199 4.18 -29.18 -21.21
C VAL B 199 3.61 -27.90 -20.61
N VAL B 200 3.15 -27.98 -19.37
CA VAL B 200 2.54 -26.86 -18.68
C VAL B 200 3.44 -26.47 -17.50
N HIS B 201 3.82 -25.19 -17.47
CA HIS B 201 4.51 -24.59 -16.34
C HIS B 201 3.48 -23.97 -15.42
N CYS B 202 3.48 -24.38 -14.16
CA CYS B 202 2.51 -23.93 -13.17
C CYS B 202 3.20 -23.12 -12.09
N THR B 203 2.69 -21.91 -11.85
CA THR B 203 3.20 -21.03 -10.80
C THR B 203 2.03 -20.49 -9.99
N GLY B 204 2.17 -20.49 -8.67
CA GLY B 204 1.11 -20.00 -7.82
C GLY B 204 1.53 -20.00 -6.37
N TYR B 205 0.54 -19.80 -5.50
CA TYR B 205 0.76 -19.76 -4.06
C TYR B 205 -0.35 -20.54 -3.36
N ILE B 206 -0.17 -20.74 -2.06
CA ILE B 206 -1.12 -21.48 -1.23
C ILE B 206 -2.00 -20.49 -0.50
N LYS B 207 -3.32 -20.69 -0.61
CA LYS B 207 -4.29 -19.93 0.17
C LYS B 207 -5.33 -20.90 0.70
N ALA B 208 -5.78 -20.67 1.93
CA ALA B 208 -6.76 -21.55 2.54
C ALA B 208 -8.18 -21.18 2.13
N TRP B 209 -9.10 -22.11 2.33
CA TRP B 209 -10.52 -21.90 2.07
C TRP B 209 -11.31 -22.35 3.30
N PRO B 210 -11.86 -21.42 4.10
CA PRO B 210 -12.57 -21.82 5.31
C PRO B 210 -14.04 -22.14 5.06
N ASP B 218 -8.48 -8.75 7.16
CA ASP B 218 -7.12 -8.37 7.50
C ASP B 218 -6.86 -8.53 9.00
N ASP B 219 -6.15 -9.58 9.39
CA ASP B 219 -5.87 -9.82 10.80
C ASP B 219 -4.55 -9.19 11.21
N ASP B 220 -4.27 -9.27 12.49
CA ASP B 220 -3.02 -8.69 12.97
C ASP B 220 -1.84 -9.67 12.88
N PRO B 221 -2.01 -10.98 13.13
CA PRO B 221 -0.85 -11.88 13.12
C PRO B 221 -0.79 -12.81 11.90
N GLU B 222 -1.76 -13.70 11.76
CA GLU B 222 -1.70 -14.72 10.72
C GLU B 222 -3.10 -15.23 10.42
N ALA B 223 -3.21 -15.93 9.29
CA ALA B 223 -4.45 -16.59 8.90
C ALA B 223 -4.42 -18.07 9.27
N LYS B 228 -8.15 -27.30 5.95
CA LYS B 228 -7.93 -27.59 4.54
C LYS B 228 -7.48 -26.33 3.80
N PHE B 229 -6.46 -26.47 2.97
CA PHE B 229 -5.91 -25.38 2.18
C PHE B 229 -6.19 -25.63 0.70
N CYS B 230 -5.70 -24.72 -0.14
CA CYS B 230 -5.84 -24.88 -1.59
C CYS B 230 -4.67 -24.22 -2.30
N LEU B 231 -4.30 -24.83 -3.42
CA LEU B 231 -3.30 -24.31 -4.32
C LEU B 231 -3.98 -23.39 -5.32
N VAL B 232 -3.71 -22.09 -5.23
CA VAL B 232 -4.19 -21.09 -6.18
C VAL B 232 -3.04 -20.80 -7.13
N ALA B 233 -3.15 -21.29 -8.37
CA ALA B 233 -2.03 -21.13 -9.29
C ALA B 233 -2.56 -20.94 -10.70
N ILE B 234 -1.67 -20.46 -11.58
CA ILE B 234 -1.95 -20.34 -12.99
C ILE B 234 -0.95 -21.20 -13.74
N GLY B 235 -1.42 -21.84 -14.81
CA GLY B 235 -0.59 -22.66 -15.65
C GLY B 235 -0.54 -22.11 -17.06
N ARG B 236 0.66 -22.00 -17.60
CA ARG B 236 0.87 -21.49 -18.94
C ARG B 236 1.78 -22.46 -19.69
N LEU B 237 1.64 -22.48 -21.01
CA LEU B 237 2.52 -23.31 -21.82
C LEU B 237 3.97 -22.95 -21.54
N GLN B 238 4.79 -23.96 -21.25
CA GLN B 238 6.21 -23.74 -21.03
C GLN B 238 6.90 -23.41 -22.34
N VAL B 239 7.99 -22.67 -22.23
CA VAL B 239 8.77 -22.26 -23.40
C VAL B 239 10.26 -22.22 -23.06
N LYS C 13 35.83 -0.98 -7.37
CA LYS C 13 36.65 -0.77 -6.17
C LYS C 13 35.77 -0.38 -4.99
N SER C 14 35.97 -1.04 -3.85
CA SER C 14 35.17 -0.81 -2.65
C SER C 14 36.07 -0.32 -1.52
N ASN C 15 35.90 0.93 -1.13
CA ASN C 15 36.68 1.53 -0.06
C ASN C 15 36.19 1.05 1.29
N PRO C 16 36.95 1.29 2.36
CA PRO C 16 36.49 0.86 3.69
C PRO C 16 35.20 1.54 4.13
N SER C 17 34.96 2.77 3.68
CA SER C 17 33.76 3.48 4.12
C SER C 17 32.52 2.95 3.42
N LYS C 18 32.61 2.63 2.12
CA LYS C 18 31.48 2.02 1.44
C LYS C 18 30.99 0.79 2.18
N ARG C 19 31.91 -0.05 2.66
CA ARG C 19 31.49 -1.23 3.41
C ARG C 19 30.70 -0.84 4.65
N HIS C 20 31.14 0.22 5.35
CA HIS C 20 30.43 0.66 6.54
C HIS C 20 29.05 1.21 6.18
N ARG C 21 29.00 2.19 5.26
CA ARG C 21 27.72 2.72 4.82
C ARG C 21 26.78 1.59 4.44
N ASP C 22 27.24 0.69 3.58
CA ASP C 22 26.40 -0.39 3.10
C ASP C 22 25.87 -1.24 4.25
N ARG C 23 26.73 -1.58 5.21
CA ARG C 23 26.24 -2.30 6.38
C ARG C 23 25.11 -1.53 7.07
N LEU C 24 25.35 -0.25 7.35
CA LEU C 24 24.33 0.56 8.00
C LEU C 24 23.02 0.53 7.22
N ASN C 25 23.06 1.02 5.99
CA ASN C 25 21.87 1.09 5.16
C ASN C 25 21.17 -0.26 5.05
N THR C 26 21.92 -1.35 5.15
CA THR C 26 21.29 -2.67 5.08
C THR C 26 20.53 -2.97 6.37
N GLU C 27 21.16 -2.73 7.52
CA GLU C 27 20.47 -2.99 8.78
C GLU C 27 19.29 -2.04 8.96
N LEU C 28 19.38 -0.84 8.39
CA LEU C 28 18.31 0.14 8.49
C LEU C 28 17.17 -0.19 7.54
N ASP C 29 17.51 -0.64 6.33
CA ASP C 29 16.47 -1.12 5.41
C ASP C 29 15.73 -2.31 6.02
N ARG C 30 16.48 -3.22 6.65
CA ARG C 30 15.85 -4.33 7.35
C ARG C 30 14.96 -3.83 8.47
N LEU C 31 15.48 -2.88 9.27
CA LEU C 31 14.69 -2.31 10.35
C LEU C 31 13.40 -1.71 9.82
N ALA C 32 13.45 -1.12 8.63
CA ALA C 32 12.27 -0.54 8.01
C ALA C 32 11.27 -1.63 7.64
N SER C 33 11.70 -2.58 6.81
CA SER C 33 10.81 -3.64 6.31
C SER C 33 10.07 -4.36 7.43
N LEU C 34 10.47 -4.15 8.69
CA LEU C 34 9.78 -4.71 9.83
C LEU C 34 8.79 -3.73 10.45
N LEU C 35 8.51 -2.61 9.80
CA LEU C 35 7.55 -1.65 10.32
C LEU C 35 6.13 -2.13 10.09
N PRO C 36 5.13 -1.45 10.70
CA PRO C 36 3.75 -1.88 10.54
C PRO C 36 2.94 -1.01 9.60
N PHE C 37 3.54 -0.59 8.49
CA PHE C 37 2.84 0.17 7.46
C PHE C 37 2.69 -0.66 6.19
N PRO C 38 1.75 -0.31 5.31
CA PRO C 38 1.55 -1.10 4.10
C PRO C 38 2.75 -1.01 3.16
N GLN C 39 2.89 -2.04 2.32
CA GLN C 39 3.99 -2.09 1.37
C GLN C 39 4.07 -0.81 0.53
N ASP C 40 2.93 -0.15 0.32
CA ASP C 40 2.92 1.07 -0.48
C ASP C 40 3.89 2.11 0.08
N VAL C 41 3.74 2.43 1.36
CA VAL C 41 4.51 3.53 1.96
C VAL C 41 5.83 3.04 2.53
N ILE C 42 5.84 1.88 3.19
CA ILE C 42 7.06 1.37 3.81
C ILE C 42 8.20 1.35 2.80
N ASN C 43 7.89 1.10 1.53
CA ASN C 43 8.87 1.07 0.47
C ASN C 43 9.16 2.45 -0.10
N LYS C 44 8.80 3.51 0.63
CA LYS C 44 9.05 4.87 0.17
C LYS C 44 9.38 5.82 1.32
N LEU C 45 9.76 5.30 2.47
CA LEU C 45 10.15 6.12 3.61
C LEU C 45 11.62 6.48 3.51
N ASP C 46 11.93 7.75 3.74
CA ASP C 46 13.33 8.13 3.88
C ASP C 46 13.89 7.56 5.19
N LYS C 47 15.21 7.63 5.34
CA LYS C 47 15.89 6.97 6.44
C LYS C 47 15.41 7.46 7.80
N LEU C 48 15.68 8.72 8.13
CA LEU C 48 15.37 9.21 9.47
C LEU C 48 13.90 9.05 9.80
N SER C 49 13.02 8.99 8.79
CA SER C 49 11.63 8.64 9.06
C SER C 49 11.49 7.18 9.47
N VAL C 50 12.25 6.28 8.83
CA VAL C 50 12.30 4.89 9.29
C VAL C 50 12.68 4.85 10.75
N LEU C 51 13.68 5.64 11.13
CA LEU C 51 14.13 5.62 12.52
C LEU C 51 13.04 6.15 13.45
N ARG C 52 12.51 7.34 13.17
CA ARG C 52 11.51 7.92 14.08
C ARG C 52 10.29 7.02 14.18
N LEU C 53 9.93 6.32 13.10
CA LEU C 53 8.79 5.42 13.14
C LEU C 53 9.09 4.20 14.00
N SER C 54 10.25 3.59 13.80
CA SER C 54 10.60 2.40 14.59
C SER C 54 10.73 2.74 16.07
N VAL C 55 11.36 3.87 16.39
CA VAL C 55 11.50 4.26 17.79
C VAL C 55 10.15 4.66 18.37
N SER C 56 9.25 5.22 17.55
CA SER C 56 7.91 5.53 18.02
C SER C 56 7.17 4.25 18.39
N TYR C 57 7.08 3.32 17.43
CA TYR C 57 6.55 1.98 17.70
C TYR C 57 7.09 1.44 19.02
N LEU C 58 8.41 1.43 19.16
CA LEU C 58 9.02 0.93 20.39
C LEU C 58 8.51 1.69 21.61
N ARG C 59 8.38 3.01 21.50
CA ARG C 59 7.92 3.80 22.64
C ARG C 59 6.51 3.39 23.04
N ALA C 60 5.62 3.22 22.06
CA ALA C 60 4.25 2.82 22.36
C ALA C 60 4.23 1.46 23.05
N LYS C 61 4.77 0.43 22.38
CA LYS C 61 4.72 -0.92 22.95
C LYS C 61 5.39 -0.97 24.32
N SER C 62 6.45 -0.18 24.52
CA SER C 62 7.25 -0.29 25.74
C SER C 62 6.41 -0.08 26.99
N PHE C 63 5.43 0.83 26.93
CA PHE C 63 4.54 1.01 28.06
C PHE C 63 3.20 0.32 27.88
N PHE C 64 2.82 0.01 26.63
CA PHE C 64 1.60 -0.76 26.43
C PHE C 64 1.71 -2.15 27.04
N ASP C 65 2.93 -2.70 27.12
CA ASP C 65 3.09 -3.99 27.78
C ASP C 65 2.80 -3.88 29.27
N VAL C 66 2.95 -2.69 29.86
CA VAL C 66 2.62 -2.50 31.27
C VAL C 66 1.14 -2.21 31.44
N ALA C 67 0.60 -1.29 30.64
CA ALA C 67 -0.77 -0.83 30.83
C ALA C 67 -1.75 -2.00 30.76
N LEU C 68 -1.62 -2.85 29.76
CA LEU C 68 -2.58 -3.94 29.58
C LEU C 68 -2.31 -5.09 30.53
N LYS C 69 -1.04 -5.40 30.79
CA LYS C 69 -0.68 -6.52 31.64
C LYS C 69 -0.80 -6.14 33.12
N ARG C 88 -17.40 -16.61 15.46
CA ARG C 88 -17.37 -17.22 16.79
C ARG C 88 -15.94 -17.38 17.30
N GLU C 89 -14.97 -17.31 16.38
CA GLU C 89 -13.56 -17.48 16.71
C GLU C 89 -12.70 -16.29 16.31
N GLY C 90 -13.10 -15.52 15.31
CA GLY C 90 -12.27 -14.45 14.76
C GLY C 90 -12.74 -13.04 15.02
N LEU C 91 -13.71 -12.82 15.91
CA LEU C 91 -14.15 -11.47 16.20
C LEU C 91 -13.37 -10.84 17.34
N ASN C 92 -12.96 -11.65 18.32
CA ASN C 92 -11.94 -11.19 19.26
C ASN C 92 -10.62 -10.87 18.55
N LEU C 93 -10.50 -11.26 17.29
CA LEU C 93 -9.30 -10.98 16.48
C LEU C 93 -9.49 -9.79 15.55
N GLN C 94 -10.65 -9.64 14.92
CA GLN C 94 -10.92 -8.52 14.04
C GLN C 94 -11.49 -7.32 14.78
N GLU C 95 -11.68 -7.44 16.09
CA GLU C 95 -12.27 -6.33 16.85
C GLU C 95 -11.50 -5.05 16.56
N GLY C 96 -10.18 -5.08 16.68
CA GLY C 96 -9.36 -3.90 16.45
C GLY C 96 -9.78 -3.08 15.24
N GLU C 97 -9.84 -3.72 14.08
CA GLU C 97 -10.26 -3.02 12.87
C GLU C 97 -11.70 -2.54 13.01
N PHE C 98 -12.57 -3.42 13.54
CA PHE C 98 -13.95 -3.00 13.77
C PHE C 98 -14.03 -1.72 14.57
N LEU C 99 -13.09 -1.49 15.50
CA LEU C 99 -13.00 -0.20 16.17
C LEU C 99 -12.50 0.87 15.20
N LEU C 100 -11.50 0.52 14.40
CA LEU C 100 -10.88 1.52 13.54
C LEU C 100 -11.89 2.18 12.63
N GLN C 101 -12.92 1.47 12.18
CA GLN C 101 -13.93 2.11 11.34
C GLN C 101 -15.33 2.10 11.93
N ALA C 102 -15.50 1.66 13.18
CA ALA C 102 -16.81 1.78 13.82
C ALA C 102 -16.97 3.13 14.50
N LEU C 103 -15.91 3.65 15.11
CA LEU C 103 -15.97 4.97 15.72
C LEU C 103 -16.17 6.03 14.65
N ASN C 104 -17.13 6.93 14.87
CA ASN C 104 -17.36 8.04 13.94
C ASN C 104 -16.15 8.97 13.85
N GLY C 105 -15.20 8.84 14.77
CA GLY C 105 -13.97 9.62 14.70
C GLY C 105 -12.75 8.73 14.80
N PHE C 106 -11.58 9.33 15.01
CA PHE C 106 -10.33 8.59 15.13
C PHE C 106 -9.77 8.73 16.56
N VAL C 107 -8.46 8.49 16.71
CA VAL C 107 -7.80 8.54 18.00
C VAL C 107 -6.53 9.36 17.87
N LEU C 108 -6.16 10.02 18.97
CA LEU C 108 -4.88 10.72 19.01
C LEU C 108 -4.33 10.68 20.43
N VAL C 109 -3.01 10.65 20.53
CA VAL C 109 -2.32 10.67 21.81
C VAL C 109 -1.15 11.64 21.70
N VAL C 110 -1.14 12.67 22.55
CA VAL C 110 -0.14 13.73 22.51
C VAL C 110 0.50 13.87 23.89
N THR C 111 1.80 14.15 23.92
CA THR C 111 2.53 14.34 25.14
C THR C 111 2.65 15.82 25.50
N THR C 112 3.19 16.09 26.69
CA THR C 112 3.38 17.46 27.13
C THR C 112 4.25 18.25 26.17
N ASP C 113 5.15 17.58 25.47
CA ASP C 113 6.03 18.24 24.50
C ASP C 113 5.33 18.54 23.19
N ALA C 114 4.01 18.41 23.12
CA ALA C 114 3.26 18.67 21.89
C ALA C 114 3.71 17.77 20.76
N LEU C 115 4.24 16.59 21.10
CA LEU C 115 4.62 15.58 20.13
C LEU C 115 3.48 14.56 20.02
N VAL C 116 3.06 14.27 18.78
CA VAL C 116 2.14 13.18 18.58
C VAL C 116 2.77 11.90 19.10
N PHE C 117 2.07 11.23 20.02
CA PHE C 117 2.51 9.92 20.48
C PHE C 117 1.75 8.78 19.81
N TYR C 118 0.58 9.05 19.23
CA TYR C 118 -0.07 8.03 18.43
C TYR C 118 -1.18 8.64 17.60
N ALA C 119 -1.38 8.07 16.41
CA ALA C 119 -2.52 8.35 15.58
C ALA C 119 -2.97 7.03 14.95
N SER C 120 -4.28 6.81 14.93
CA SER C 120 -4.82 5.66 14.22
C SER C 120 -4.68 5.87 12.71
N SER C 121 -4.84 4.79 11.95
CA SER C 121 -4.80 4.90 10.50
C SER C 121 -5.93 5.79 9.98
N THR C 122 -6.97 6.02 10.78
CA THR C 122 -8.17 6.70 10.30
C THR C 122 -7.91 8.14 9.93
N ILE C 123 -6.83 8.77 10.42
CA ILE C 123 -6.60 10.18 10.13
C ILE C 123 -6.75 10.44 8.65
N GLN C 124 -6.01 9.69 7.85
CA GLN C 124 -6.12 9.80 6.40
C GLN C 124 -7.55 9.64 5.93
N ASP C 125 -8.35 8.85 6.66
CA ASP C 125 -9.74 8.66 6.29
C ASP C 125 -10.54 9.95 6.46
N TYR C 126 -10.49 10.54 7.67
CA TYR C 126 -11.23 11.76 7.96
C TYR C 126 -10.45 13.01 7.56
N LEU C 127 -9.13 13.01 7.75
CA LEU C 127 -8.27 14.08 7.27
C LEU C 127 -7.54 13.59 6.03
N GLY C 128 -6.37 14.19 5.73
CA GLY C 128 -5.62 13.82 4.55
C GLY C 128 -4.18 13.43 4.83
N PHE C 129 -3.71 13.71 6.04
CA PHE C 129 -2.32 13.45 6.38
C PHE C 129 -2.07 11.96 6.55
N GLN C 130 -0.94 11.49 6.04
CA GLN C 130 -0.56 10.09 6.17
C GLN C 130 -0.19 9.78 7.62
N GLN C 131 -0.68 8.63 8.10
CA GLN C 131 -0.36 8.18 9.46
C GLN C 131 1.14 8.25 9.71
N SER C 132 1.94 7.73 8.79
CA SER C 132 3.38 7.64 8.93
C SER C 132 4.08 9.00 8.91
N ASP C 133 3.36 10.10 8.64
CA ASP C 133 3.99 11.41 8.55
C ASP C 133 3.72 12.30 9.76
N VAL C 134 2.64 12.04 10.50
CA VAL C 134 2.26 12.89 11.61
C VAL C 134 2.50 12.26 12.96
N ILE C 135 2.92 10.98 13.00
CA ILE C 135 2.88 10.23 14.24
C ILE C 135 3.93 10.72 15.24
N HIS C 136 5.10 11.16 14.76
CA HIS C 136 6.16 11.59 15.66
C HIS C 136 6.52 13.07 15.55
N GLN C 137 6.17 13.73 14.46
CA GLN C 137 6.47 15.15 14.31
C GLN C 137 5.48 16.01 15.09
N SER C 138 5.85 17.27 15.31
CA SER C 138 5.09 18.16 16.18
C SER C 138 3.64 18.27 15.72
N VAL C 139 2.72 18.04 16.64
CA VAL C 139 1.30 18.11 16.32
C VAL C 139 0.88 19.53 15.99
N TYR C 140 1.67 20.53 16.37
CA TYR C 140 1.20 21.90 16.36
C TYR C 140 0.71 22.33 14.98
N GLU C 141 1.49 22.03 13.94
CA GLU C 141 1.12 22.50 12.61
C GLU C 141 0.00 21.69 12.00
N LEU C 142 -0.63 20.78 12.75
CA LEU C 142 -1.92 20.24 12.35
C LEU C 142 -3.06 21.15 12.77
N ILE C 143 -2.85 22.04 13.74
CA ILE C 143 -3.84 22.98 14.20
C ILE C 143 -3.31 24.39 13.98
N HIS C 144 -4.14 25.26 13.42
CA HIS C 144 -3.74 26.64 13.20
C HIS C 144 -3.31 27.26 14.52
N THR C 145 -2.36 28.20 14.44
CA THR C 145 -1.73 28.74 15.64
C THR C 145 -2.76 29.20 16.65
N GLU C 146 -3.82 29.86 16.20
CA GLU C 146 -4.85 30.34 17.12
C GLU C 146 -5.50 29.19 17.86
N ASP C 147 -5.87 28.12 17.15
CA ASP C 147 -6.54 26.99 17.80
C ASP C 147 -5.61 26.28 18.77
N ARG C 148 -4.31 26.26 18.49
CA ARG C 148 -3.37 25.54 19.35
C ARG C 148 -3.17 26.26 20.68
N ALA C 149 -3.09 27.59 20.65
CA ALA C 149 -2.90 28.35 21.87
C ALA C 149 -3.93 27.97 22.92
N GLU C 150 -5.20 27.86 22.52
CA GLU C 150 -6.23 27.41 23.45
C GLU C 150 -5.95 25.99 23.92
N PHE C 151 -5.32 25.17 23.09
CA PHE C 151 -4.92 23.83 23.53
C PHE C 151 -3.77 23.90 24.52
N GLN C 152 -2.88 24.89 24.36
CA GLN C 152 -1.79 25.05 25.31
C GLN C 152 -2.32 25.41 26.69
N ARG C 153 -3.31 26.31 26.76
CA ARG C 153 -3.92 26.64 28.04
C ARG C 153 -4.51 25.41 28.70
N GLN C 154 -5.15 24.56 27.91
CA GLN C 154 -5.70 23.30 28.41
C GLN C 154 -4.57 22.43 28.97
N GLU C 192 -5.21 9.58 36.66
CA GLU C 192 -4.95 8.57 37.69
C GLU C 192 -5.93 8.72 38.85
N ASN C 193 -5.95 9.91 39.46
CA ASN C 193 -6.82 10.15 40.59
C ASN C 193 -8.29 10.04 40.20
N SER C 194 -8.68 10.73 39.13
CA SER C 194 -10.09 10.83 38.76
C SER C 194 -10.19 11.45 37.37
N PRO C 195 -11.39 11.70 36.85
CA PRO C 195 -11.50 12.39 35.55
C PRO C 195 -11.07 13.85 35.60
N LEU C 196 -10.61 14.35 36.74
CA LEU C 196 -10.09 15.70 36.81
C LEU C 196 -9.01 15.91 35.76
N MET C 197 -8.96 17.11 35.20
CA MET C 197 -8.05 17.50 34.12
C MET C 197 -8.51 16.92 32.78
N GLU C 198 -9.68 16.30 32.72
CA GLU C 198 -10.21 15.79 31.46
C GLU C 198 -10.49 16.94 30.51
N ARG C 199 -9.80 16.97 29.38
CA ARG C 199 -9.97 18.02 28.39
C ARG C 199 -11.04 17.59 27.39
N CYS C 200 -12.13 18.36 27.31
CA CYS C 200 -13.20 18.12 26.36
C CYS C 200 -13.53 19.46 25.70
N PHE C 201 -12.80 19.80 24.65
CA PHE C 201 -12.97 21.08 23.97
C PHE C 201 -13.10 20.89 22.46
N ILE C 202 -13.00 21.99 21.71
CA ILE C 202 -13.06 21.96 20.25
C ILE C 202 -11.82 22.66 19.73
N CYS C 203 -11.03 21.95 18.93
CA CYS C 203 -9.83 22.49 18.32
C CYS C 203 -9.86 22.22 16.82
N ARG C 204 -9.39 23.20 16.04
CA ARG C 204 -9.45 23.12 14.59
C ARG C 204 -8.19 22.45 14.06
N LEU C 205 -8.36 21.34 13.34
CA LEU C 205 -7.25 20.61 12.74
C LEU C 205 -7.26 20.79 11.24
N ARG C 206 -6.07 20.95 10.66
CA ARG C 206 -5.91 21.08 9.23
C ARG C 206 -6.42 19.82 8.52
N CYS C 207 -6.73 19.96 7.23
CA CYS C 207 -7.23 18.83 6.46
C CYS C 207 -7.11 19.11 4.97
N LEU C 208 -7.21 18.04 4.18
CA LEU C 208 -7.34 18.15 2.73
C LEU C 208 -8.19 17.00 2.20
N PHE C 215 -7.82 23.70 7.96
CA PHE C 215 -9.10 24.04 7.37
C PHE C 215 -10.24 23.39 8.14
N LEU C 216 -10.84 22.35 7.56
CA LEU C 216 -11.98 21.70 8.17
C LEU C 216 -11.70 21.34 9.62
N ALA C 217 -12.46 21.94 10.53
CA ALA C 217 -12.25 21.77 11.96
C ALA C 217 -13.24 20.77 12.53
N MET C 218 -12.89 20.21 13.68
CA MET C 218 -13.74 19.23 14.35
C MET C 218 -13.34 19.20 15.82
N ASN C 219 -14.33 19.03 16.70
CA ASN C 219 -14.09 18.98 18.13
C ASN C 219 -13.96 17.53 18.59
N PHE C 220 -13.19 17.33 19.66
CA PHE C 220 -12.91 15.99 20.17
C PHE C 220 -13.07 15.99 21.68
N GLN C 221 -12.86 14.82 22.29
CA GLN C 221 -12.98 14.72 23.73
C GLN C 221 -12.11 13.56 24.21
N GLY C 222 -11.55 13.72 25.41
CA GLY C 222 -10.66 12.69 25.94
C GLY C 222 -10.31 12.95 27.39
N LYS C 223 -9.91 11.87 28.06
CA LYS C 223 -9.52 11.90 29.47
C LYS C 223 -8.01 11.66 29.55
N LEU C 224 -7.26 12.69 29.94
CA LEU C 224 -5.81 12.57 30.11
C LEU C 224 -5.50 11.38 31.01
N LYS C 225 -4.27 10.87 30.94
CA LYS C 225 -3.88 9.67 31.66
C LYS C 225 -2.42 9.77 32.04
N TYR C 226 -1.88 8.70 32.63
CA TYR C 226 -0.51 8.63 33.09
C TYR C 226 0.32 7.79 32.14
N LEU C 227 1.51 8.28 31.83
CA LEU C 227 2.37 7.68 30.82
C LEU C 227 3.44 6.83 31.48
N HIS C 228 4.04 5.92 30.72
CA HIS C 228 5.06 5.03 31.26
C HIS C 228 5.98 4.61 30.13
N GLY C 229 6.87 3.68 30.45
CA GLY C 229 7.69 3.01 29.45
C GLY C 229 9.11 3.55 29.38
N GLN C 230 9.37 4.32 28.33
CA GLN C 230 10.73 4.79 28.05
C GLN C 230 11.27 5.67 29.18
N LYS C 231 12.59 5.55 29.41
CA LYS C 231 13.28 6.43 30.34
C LYS C 231 13.51 7.75 29.60
N LYS C 232 12.51 8.63 29.66
CA LYS C 232 12.61 9.94 29.02
C LYS C 232 13.25 10.93 30.00
N ASP C 236 17.83 17.34 36.41
CA ASP C 236 17.78 16.61 35.15
C ASP C 236 18.97 15.67 35.01
N GLY C 237 19.02 14.92 33.91
CA GLY C 237 20.07 13.95 33.72
C GLY C 237 19.98 12.77 34.66
N SER C 238 18.78 12.41 35.09
CA SER C 238 18.57 11.27 35.97
C SER C 238 17.26 10.59 35.56
N ILE C 239 17.00 9.44 36.16
CA ILE C 239 15.74 8.73 35.96
C ILE C 239 14.61 9.68 36.29
N LEU C 240 13.81 10.04 35.28
CA LEU C 240 12.75 11.02 35.46
C LEU C 240 11.40 10.32 35.46
N PRO C 241 10.55 10.53 36.45
CA PRO C 241 9.22 9.91 36.40
C PRO C 241 8.50 10.34 35.13
N PRO C 242 7.58 9.52 34.64
CA PRO C 242 6.87 9.89 33.41
C PRO C 242 5.90 11.04 33.66
N GLN C 243 5.82 11.95 32.70
CA GLN C 243 4.88 13.05 32.76
C GLN C 243 3.54 12.63 32.16
N LEU C 244 2.53 13.46 32.39
CA LEU C 244 1.19 13.18 31.88
C LEU C 244 1.16 13.38 30.37
N ALA C 245 0.05 12.96 29.77
CA ALA C 245 -0.17 13.05 28.33
C ALA C 245 -1.60 12.69 28.04
N LEU C 246 -2.16 13.29 27.00
CA LEU C 246 -3.58 13.15 26.71
C LEU C 246 -3.83 12.04 25.70
N PHE C 247 -4.74 11.14 26.05
CA PHE C 247 -5.25 10.10 25.16
C PHE C 247 -6.64 10.53 24.70
N ALA C 248 -6.68 11.43 23.72
CA ALA C 248 -7.92 12.09 23.35
C ALA C 248 -8.51 11.47 22.08
N ILE C 249 -9.81 11.17 22.14
CA ILE C 249 -10.51 10.60 21.00
C ILE C 249 -11.09 11.74 20.17
N ALA C 250 -11.19 11.50 18.86
CA ALA C 250 -10.90 12.58 17.93
C ALA C 250 -11.99 13.03 16.98
N THR C 251 -11.67 14.10 16.29
CA THR C 251 -12.66 15.16 16.14
C THR C 251 -13.41 14.96 14.82
N PRO C 252 -14.77 14.93 14.75
CA PRO C 252 -15.58 14.93 13.53
C PRO C 252 -16.14 16.30 13.19
N ALA D 6 23.27 28.69 -11.93
CA ALA D 6 23.88 29.98 -11.62
C ALA D 6 22.90 30.87 -10.85
N ASP D 7 21.73 30.32 -10.54
CA ASP D 7 20.63 31.07 -9.95
C ASP D 7 20.80 31.09 -8.43
N LYS D 8 21.27 32.23 -7.90
CA LYS D 8 21.35 32.42 -6.46
C LYS D 8 21.83 31.17 -5.77
N GLU D 9 22.89 30.55 -6.31
CA GLU D 9 23.45 29.35 -5.70
C GLU D 9 23.89 29.61 -4.26
N ARG D 10 24.16 30.87 -3.90
CA ARG D 10 24.63 31.17 -2.55
C ARG D 10 23.61 30.75 -1.50
N LEU D 11 22.33 31.05 -1.74
CA LEU D 11 21.30 30.65 -0.79
C LEU D 11 21.33 29.15 -0.56
N ALA D 12 21.26 28.37 -1.63
CA ALA D 12 21.35 26.93 -1.52
C ALA D 12 22.72 26.50 -1.00
N ARG D 13 23.78 27.18 -1.45
CA ARG D 13 25.13 26.85 -0.99
C ARG D 13 25.28 27.17 0.50
N GLU D 14 25.14 28.44 0.86
CA GLU D 14 25.26 28.89 2.25
C GLU D 14 24.31 28.15 3.20
N ASN D 15 23.40 27.29 2.70
CA ASN D 15 22.54 26.50 3.55
C ASN D 15 22.68 24.99 3.37
N HIS D 16 23.35 24.53 2.31
CA HIS D 16 23.44 23.10 2.07
C HIS D 16 24.36 22.43 3.09
N SER D 17 25.54 23.02 3.31
CA SER D 17 26.48 22.44 4.26
C SER D 17 25.83 22.24 5.63
N GLU D 18 24.83 23.05 5.96
CA GLU D 18 24.19 22.99 7.27
C GLU D 18 23.07 21.95 7.31
N ILE D 19 22.13 22.01 6.37
CA ILE D 19 20.99 21.10 6.44
C ILE D 19 21.47 19.65 6.41
N GLU D 20 22.42 19.34 5.52
CA GLU D 20 22.95 17.99 5.48
C GLU D 20 23.63 17.65 6.80
N ARG D 21 24.30 18.63 7.41
CA ARG D 21 24.84 18.43 8.74
C ARG D 21 23.73 18.21 9.75
N ARG D 22 22.64 18.99 9.65
CA ARG D 22 21.52 18.84 10.56
C ARG D 22 20.83 17.48 10.42
N ARG D 23 20.95 16.83 9.26
CA ARG D 23 20.38 15.50 9.10
C ARG D 23 21.17 14.47 9.90
N ARG D 24 22.50 14.56 9.89
CA ARG D 24 23.31 13.63 10.67
C ARG D 24 22.97 13.73 12.14
N ASN D 25 22.83 14.96 12.66
CA ASN D 25 22.53 15.14 14.07
C ASN D 25 21.24 14.42 14.45
N LYS D 26 20.25 14.45 13.56
CA LYS D 26 18.99 13.75 13.82
C LYS D 26 19.21 12.24 13.83
N MET D 27 19.78 11.70 12.75
CA MET D 27 19.97 10.26 12.66
C MET D 27 20.64 9.72 13.91
N THR D 28 21.63 10.43 14.42
CA THR D 28 22.30 9.99 15.66
C THR D 28 21.41 10.19 16.87
N ALA D 29 20.59 11.23 16.87
CA ALA D 29 19.64 11.42 17.98
C ALA D 29 18.65 10.28 18.03
N TYR D 30 18.01 9.97 16.89
CA TYR D 30 17.05 8.87 16.85
C TYR D 30 17.70 7.57 17.28
N ILE D 31 18.84 7.24 16.67
CA ILE D 31 19.48 5.96 16.96
C ILE D 31 19.86 5.88 18.44
N THR D 32 20.33 6.99 19.00
CA THR D 32 20.60 7.03 20.43
C THR D 32 19.32 6.95 21.23
N GLU D 33 18.22 7.47 20.69
CA GLU D 33 16.95 7.39 21.40
C GLU D 33 16.54 5.93 21.61
N LEU D 34 16.58 5.12 20.55
CA LEU D 34 16.14 3.75 20.67
C LEU D 34 17.15 2.86 21.37
N SER D 35 18.43 3.25 21.38
CA SER D 35 19.40 2.55 22.23
C SER D 35 19.04 2.73 23.70
N ASP D 36 18.47 3.88 24.05
CA ASP D 36 17.86 4.06 25.36
C ASP D 36 16.60 3.21 25.52
N MET D 37 15.99 2.82 24.40
CA MET D 37 14.66 2.21 24.37
C MET D 37 14.74 0.69 24.38
N VAL D 38 15.58 0.11 23.52
CA VAL D 38 15.61 -1.36 23.38
C VAL D 38 15.96 -1.98 24.72
N PRO D 39 15.24 -3.03 25.17
CA PRO D 39 15.58 -3.64 26.47
C PRO D 39 17.02 -4.12 26.55
N THR D 40 17.53 -4.72 25.48
CA THR D 40 18.90 -5.21 25.48
C THR D 40 19.89 -4.08 25.77
N CYS D 41 19.82 -3.00 25.00
CA CYS D 41 20.70 -1.85 25.18
C CYS D 41 20.17 -0.85 26.18
N SER D 42 19.06 -1.14 26.85
CA SER D 42 18.41 -0.17 27.74
C SER D 42 19.34 0.32 28.83
N ALA D 43 19.72 -0.58 29.74
CA ALA D 43 20.50 -0.24 30.91
C ALA D 43 21.97 -0.67 30.78
N LEU D 44 22.46 -0.86 29.57
CA LEU D 44 23.87 -1.16 29.38
C LEU D 44 24.72 0.03 29.81
N ALA D 45 25.67 -0.22 30.72
CA ALA D 45 26.45 0.85 31.31
C ALA D 45 27.31 1.54 30.26
N ARG D 46 28.18 0.78 29.58
CA ARG D 46 29.04 1.35 28.56
C ARG D 46 28.23 1.84 27.36
N LYS D 47 28.83 2.73 26.59
CA LYS D 47 28.16 3.27 25.41
C LYS D 47 28.22 2.24 24.28
N PRO D 48 27.09 1.86 23.68
CA PRO D 48 27.13 0.86 22.60
C PRO D 48 27.50 1.50 21.26
N ASP D 49 27.70 0.63 20.28
CA ASP D 49 28.10 1.07 18.95
C ASP D 49 26.87 1.34 18.08
N LYS D 50 26.94 2.42 17.32
CA LYS D 50 25.88 2.80 16.38
C LYS D 50 25.34 1.57 15.64
N LEU D 51 26.18 0.98 14.79
CA LEU D 51 25.79 -0.23 14.09
C LEU D 51 25.21 -1.26 15.05
N THR D 52 25.90 -1.52 16.16
CA THR D 52 25.39 -2.46 17.15
C THR D 52 23.98 -2.08 17.57
N ILE D 53 23.78 -0.80 17.92
CA ILE D 53 22.44 -0.33 18.31
C ILE D 53 21.42 -0.75 17.27
N LEU D 54 21.69 -0.44 16.00
CA LEU D 54 20.73 -0.79 14.95
C LEU D 54 20.47 -2.30 14.93
N ARG D 55 21.54 -3.10 15.00
CA ARG D 55 21.37 -4.55 14.88
C ARG D 55 20.51 -5.08 16.02
N MET D 56 20.83 -4.71 17.25
CA MET D 56 20.09 -5.22 18.39
C MET D 56 18.66 -4.71 18.39
N ALA D 57 18.44 -3.50 17.87
CA ALA D 57 17.08 -3.00 17.69
C ALA D 57 16.30 -3.88 16.72
N VAL D 58 16.90 -4.17 15.56
CA VAL D 58 16.28 -5.11 14.61
C VAL D 58 15.91 -6.41 15.32
N SER D 59 16.86 -6.96 16.09
CA SER D 59 16.56 -8.18 16.83
C SER D 59 15.33 -7.98 17.72
N HIS D 60 15.23 -6.83 18.39
CA HIS D 60 14.15 -6.65 19.34
C HIS D 60 12.80 -6.49 18.63
N MET D 61 12.79 -5.85 17.46
CA MET D 61 11.53 -5.72 16.73
C MET D 61 11.11 -7.05 16.11
N LYS D 62 12.07 -7.78 15.54
CA LYS D 62 11.77 -9.14 15.08
C LYS D 62 11.18 -9.97 16.22
N SER D 63 11.74 -9.85 17.41
CA SER D 63 11.20 -10.55 18.58
C SER D 63 9.86 -9.98 19.01
N LEU D 64 9.57 -8.72 18.69
CA LEU D 64 8.37 -8.06 19.19
C LEU D 64 7.15 -8.28 18.31
N ARG D 65 7.36 -8.47 17.01
CA ARG D 65 6.26 -8.74 16.07
C ARG D 65 6.73 -9.77 15.06
N GLY D 66 5.99 -10.87 14.95
CA GLY D 66 6.35 -11.94 14.03
C GLY D 66 5.32 -13.04 13.96
N THR D 70 4.01 -13.74 7.98
CA THR D 70 3.52 -14.36 6.75
C THR D 70 3.91 -13.52 5.53
N SER D 71 3.45 -12.27 5.51
CA SER D 71 3.70 -11.32 4.43
C SER D 71 2.93 -11.67 3.16
N THR D 72 2.07 -12.68 3.20
CA THR D 72 1.28 -13.05 2.02
C THR D 72 0.63 -11.82 1.42
N ASP D 73 1.00 -11.52 0.17
CA ASP D 73 0.42 -10.37 -0.52
C ASP D 73 -1.11 -10.43 -0.51
N GLY D 74 -1.68 -11.62 -0.36
CA GLY D 74 -3.12 -11.79 -0.37
C GLY D 74 -3.86 -11.01 0.70
N SER D 75 -3.63 -11.35 1.98
CA SER D 75 -4.64 -11.09 3.00
C SER D 75 -4.16 -10.31 4.22
N TYR D 76 -2.93 -9.80 4.22
CA TYR D 76 -2.35 -9.17 5.41
C TYR D 76 -2.41 -7.65 5.32
N LYS D 77 -2.96 -7.03 6.36
CA LYS D 77 -2.98 -5.57 6.49
C LYS D 77 -2.22 -5.17 7.75
N PRO D 78 -1.08 -4.50 7.65
CA PRO D 78 -0.29 -4.20 8.85
C PRO D 78 -1.00 -3.22 9.77
N SER D 79 -0.90 -3.47 11.07
CA SER D 79 -1.55 -2.66 12.09
C SER D 79 -0.48 -2.08 13.02
N PHE D 80 -0.65 -0.80 13.36
CA PHE D 80 0.35 -0.15 14.21
C PHE D 80 0.23 -0.60 15.66
N LEU D 81 -0.99 -0.71 16.17
CA LEU D 81 -1.22 -1.15 17.53
C LEU D 81 -1.97 -2.48 17.55
N THR D 82 -1.75 -3.25 18.60
CA THR D 82 -2.34 -4.57 18.74
C THR D 82 -3.82 -4.46 19.09
N ASP D 83 -4.55 -5.53 18.82
CA ASP D 83 -5.98 -5.55 19.11
C ASP D 83 -6.23 -5.30 20.59
N GLN D 84 -5.60 -6.08 21.47
CA GLN D 84 -5.68 -5.81 22.90
C GLN D 84 -5.19 -4.41 23.22
N GLU D 85 -4.17 -3.94 22.49
CA GLU D 85 -3.71 -2.56 22.64
C GLU D 85 -4.80 -1.58 22.23
N LEU D 86 -5.25 -1.67 20.97
CA LEU D 86 -6.30 -0.79 20.50
C LEU D 86 -7.57 -0.90 21.32
N LYS D 87 -7.77 -2.02 22.02
CA LYS D 87 -8.89 -2.12 22.95
C LYS D 87 -8.62 -1.35 24.23
N HIS D 88 -7.37 -1.40 24.72
CA HIS D 88 -7.02 -0.65 25.92
C HIS D 88 -7.16 0.85 25.67
N LEU D 89 -6.45 1.37 24.67
CA LEU D 89 -6.61 2.78 24.32
C LEU D 89 -8.05 3.08 23.95
N ILE D 90 -8.71 2.17 23.23
CA ILE D 90 -10.07 2.41 22.76
C ILE D 90 -10.99 2.69 23.94
N LEU D 91 -11.09 1.73 24.86
CA LEU D 91 -11.98 1.91 26.01
C LEU D 91 -11.42 2.94 26.98
N GLU D 92 -10.26 2.66 27.58
CA GLU D 92 -9.59 3.56 28.52
C GLU D 92 -9.77 5.02 28.10
N ALA D 93 -9.63 5.31 26.81
CA ALA D 93 -9.86 6.67 26.33
C ALA D 93 -11.35 7.00 26.26
N ALA D 94 -12.15 6.07 25.72
CA ALA D 94 -13.57 6.29 25.50
C ALA D 94 -14.45 5.45 26.42
N ASP D 95 -13.88 4.84 27.45
CA ASP D 95 -14.60 3.94 28.34
C ASP D 95 -15.52 2.99 27.58
N PHE D 97 -16.80 0.09 25.23
CA PHE D 97 -17.70 -1.04 25.09
C PHE D 97 -17.87 -1.42 23.62
N LEU D 98 -18.21 -2.68 23.37
CA LEU D 98 -18.29 -3.20 22.01
C LEU D 98 -19.45 -4.18 21.91
N PHE D 99 -19.83 -4.48 20.68
CA PHE D 99 -20.93 -5.41 20.42
C PHE D 99 -20.93 -5.88 18.97
N TYR D 110 -21.23 -10.79 19.12
CA TYR D 110 -20.53 -10.98 20.38
C TYR D 110 -20.26 -9.64 21.06
N VAL D 111 -19.93 -9.69 22.35
CA VAL D 111 -19.59 -8.51 23.13
C VAL D 111 -18.17 -8.68 23.64
N SER D 112 -17.53 -7.55 23.93
CA SER D 112 -16.14 -7.55 24.39
C SER D 112 -16.08 -7.50 25.91
N ASP D 113 -14.94 -7.95 26.45
CA ASP D 113 -14.74 -7.99 27.88
C ASP D 113 -14.65 -6.60 28.51
N SER D 114 -14.36 -5.57 27.72
CA SER D 114 -14.26 -4.23 28.25
C SER D 114 -15.60 -3.70 28.74
N VAL D 115 -16.71 -4.30 28.31
CA VAL D 115 -18.03 -3.85 28.76
C VAL D 115 -18.10 -3.84 30.28
N THR D 116 -17.45 -4.81 30.92
CA THR D 116 -17.43 -4.84 32.37
C THR D 116 -16.79 -3.60 32.98
N PRO D 117 -15.68 -3.08 32.46
CA PRO D 117 -15.11 -1.86 33.06
C PRO D 117 -16.09 -0.70 33.10
N VAL D 118 -16.93 -0.57 32.07
CA VAL D 118 -17.91 0.51 32.02
C VAL D 118 -19.30 -0.05 32.33
N GLN D 121 -20.06 -4.83 35.65
CA GLN D 121 -21.11 -5.79 35.35
C GLN D 121 -20.75 -6.62 34.11
N PRO D 122 -19.92 -7.64 34.28
CA PRO D 122 -19.57 -8.50 33.14
C PRO D 122 -20.64 -9.54 32.86
N GLN D 123 -20.84 -9.83 31.58
CA GLN D 123 -21.83 -10.80 31.15
C GLN D 123 -21.72 -10.98 29.65
N SER D 124 -22.21 -12.10 29.15
CA SER D 124 -22.22 -12.40 27.73
C SER D 124 -23.60 -12.13 27.16
N GLU D 125 -23.64 -11.56 25.96
CA GLU D 125 -24.90 -11.26 25.29
C GLU D 125 -25.69 -12.53 25.05
N SER D 129 -28.21 -12.57 23.36
CA SER D 129 -29.18 -11.78 24.10
C SER D 129 -29.40 -10.42 23.44
N THR D 130 -30.64 -10.15 23.05
CA THR D 130 -30.97 -8.89 22.42
C THR D 130 -30.65 -7.73 23.37
N LEU D 131 -30.61 -6.52 22.79
CA LEU D 131 -30.29 -5.34 23.59
C LEU D 131 -31.31 -5.11 24.70
N TYR D 132 -32.59 -5.43 24.45
CA TYR D 132 -33.60 -5.25 25.48
C TYR D 132 -33.25 -6.02 26.75
N ASP D 133 -32.70 -7.21 26.60
CA ASP D 133 -32.32 -8.03 27.75
C ASP D 133 -31.16 -7.40 28.50
N SER D 181 -25.34 2.43 5.69
CA SER D 181 -24.36 1.51 6.27
C SER D 181 -24.18 1.82 7.76
N ARG D 182 -23.46 2.91 8.06
CA ARG D 182 -23.19 3.29 9.43
C ARG D 182 -24.30 4.20 9.96
N ARG D 183 -24.87 3.83 11.10
CA ARG D 183 -25.93 4.59 11.76
C ARG D 183 -25.47 4.96 13.16
N SER D 184 -25.03 6.21 13.33
CA SER D 184 -24.53 6.69 14.61
C SER D 184 -25.70 7.29 15.40
N PHE D 185 -26.07 6.62 16.49
CA PHE D 185 -27.15 7.06 17.36
C PHE D 185 -26.63 7.18 18.79
N ILE D 186 -27.52 7.60 19.69
CA ILE D 186 -27.22 7.73 21.11
C ILE D 186 -28.37 7.12 21.90
N CYS D 187 -28.05 6.22 22.82
CA CYS D 187 -29.03 5.44 23.56
C CYS D 187 -28.70 5.48 25.04
N ARG D 188 -29.54 4.83 25.83
CA ARG D 188 -29.36 4.73 27.28
C ARG D 188 -29.37 3.28 27.70
N MET D 189 -28.66 2.98 28.79
CA MET D 189 -28.58 1.63 29.31
C MET D 189 -28.34 1.68 30.80
N ARG D 190 -28.99 0.78 31.53
CA ARG D 190 -28.87 0.69 32.98
C ARG D 190 -28.35 -0.69 33.35
N CYS D 191 -27.37 -0.73 34.23
CA CYS D 191 -26.79 -1.99 34.69
C CYS D 191 -26.55 -1.98 36.20
N HIS D 201 -23.94 7.39 23.67
CA HIS D 201 -23.52 7.48 22.28
C HIS D 201 -22.98 6.13 21.79
N CYS D 202 -23.16 5.86 20.50
CA CYS D 202 -22.68 4.62 19.90
C CYS D 202 -22.51 4.84 18.41
N THR D 203 -21.54 4.14 17.83
CA THR D 203 -21.28 4.23 16.40
C THR D 203 -20.97 2.84 15.86
N GLY D 204 -21.54 2.52 14.70
CA GLY D 204 -21.36 1.19 14.14
C GLY D 204 -21.57 1.21 12.64
N TYR D 205 -21.33 0.03 12.05
CA TYR D 205 -21.48 -0.18 10.62
C TYR D 205 -22.45 -1.33 10.38
N ILE D 206 -23.06 -1.33 9.20
CA ILE D 206 -24.02 -2.36 8.81
C ILE D 206 -23.38 -3.29 7.78
N LYS D 207 -24.19 -4.17 7.19
CA LYS D 207 -23.72 -5.14 6.20
C LYS D 207 -23.05 -6.33 6.87
N ALA D 208 -23.46 -6.64 8.10
CA ALA D 208 -22.89 -7.77 8.83
C ALA D 208 -23.16 -9.09 8.11
N LEU D 231 -25.57 -5.65 11.76
CA LEU D 231 -24.74 -4.48 12.03
C LEU D 231 -24.04 -4.63 13.39
N VAL D 232 -22.90 -3.96 13.53
CA VAL D 232 -22.11 -3.99 14.75
C VAL D 232 -21.78 -2.56 15.15
N ALA D 233 -22.04 -2.21 16.41
CA ALA D 233 -21.82 -0.86 16.88
C ALA D 233 -21.15 -0.90 18.26
N ILE D 234 -20.18 -0.03 18.45
CA ILE D 234 -19.51 0.15 19.73
C ILE D 234 -20.15 1.33 20.46
N GLY D 235 -20.47 1.14 21.73
CA GLY D 235 -21.10 2.17 22.54
C GLY D 235 -20.08 2.92 23.36
N ARG D 236 -19.99 4.22 23.12
CA ARG D 236 -19.06 5.08 23.85
C ARG D 236 -19.76 5.74 25.04
ER ER3 I . 28.61 -4.96 -18.33
ER ER3 J . -12.08 -8.66 -9.04
C ACT K . -12.75 -5.16 -7.87
O ACT K . -12.66 -4.55 -8.96
OXT ACT K . -12.07 -6.21 -7.77
CH3 ACT K . -13.64 -4.67 -6.76
H1 ACT K . -13.56 -5.35 -5.92
H2 ACT K . -14.67 -4.64 -7.11
H3 ACT K . -13.33 -3.68 -6.46
ER ER3 L . 6.04 15.24 -11.37
ER ER3 M . -13.25 -36.31 -18.35
ER ER3 N . -0.08 -17.47 -27.69
ER ER3 O . 18.49 37.85 -7.40
ER ER3 P . -6.91 -7.28 14.19
ER ER3 Q . -8.79 30.14 19.84
ER ER3 R . 11.60 13.71 5.22
ER ER3 S . -14.50 8.74 30.17
ER ER3 T . 21.45 30.34 8.18
ER ER3 U . 32.88 25.11 -0.93
#